data_4EGP
#
_entry.id   4EGP
#
_cell.length_a   143.545
_cell.length_b   172.210
_cell.length_c   106.258
_cell.angle_alpha   90.00
_cell.angle_beta   90.00
_cell.angle_gamma   90.00
#
_symmetry.space_group_name_H-M   'C 2 2 21'
#
loop_
_entity.id
_entity.type
_entity.pdbx_description
1 polymer 'Cytochrome P450'
2 non-polymer 'PROTOPORPHYRIN IX CONTAINING FE'
3 non-polymer 'naphthalene-2-carboxylic acid'
4 non-polymer 'SULFATE ION'
5 non-polymer GLYCEROL
6 non-polymer 'CHLORIDE ION'
7 water water
#
_entity_poly.entity_id   1
_entity_poly.type   'polypeptide(L)'
_entity_poly.pdbx_seq_one_letter_code
;MISNSSAESISAPPNDSTIPHLAIDPFSLDFFDDPYPDQQTLRDAGPVVYLDKWNVYGVARYAEVHAVLNDPTTFCSSRG
VGLSDFKKEKPWRPPSLILEADPPAHTRPRAVLSKVLSPATMKTIRDGFAAAADAKVDELLQRGCIDAIADLAEAYPLSV
FPDAMGLKQEGREHLLPYAGLVFNAFGPPNELRQTAIERSAPHQAYVNEQCQRPNLAPGGFGACIHAFTDTGEITPDEAP
LLVRSLLSAGLDTTVNGIGAAVYCLARFPGELQRLRSDPTLARNAFEEAVRFESPVQTFFRTTTREVELGGAVIGEGEKV
LMFLGSANRDPRRWSDPDLYDITRKTSGHVGFGSGVHMCVGQLVARLEGEVMLSALARKVAAIDIDGPVKRRFNNTLRGL
ESLPVKLTPA
;
_entity_poly.pdbx_strand_id   A,B
#
loop_
_chem_comp.id
_chem_comp.type
_chem_comp.name
_chem_comp.formula
CL non-polymer 'CHLORIDE ION' 'Cl -1'
FIV non-polymer 'naphthalene-2-carboxylic acid' 'C11 H8 O2'
GOL non-polymer GLYCEROL 'C3 H8 O3'
HEM non-polymer 'PROTOPORPHYRIN IX CONTAINING FE' 'C34 H32 Fe N4 O4'
SO4 non-polymer 'SULFATE ION' 'O4 S -2'
#
# COMPACT_ATOMS: atom_id res chain seq x y z
N THR A 18 8.19 -38.42 -21.73
CA THR A 18 8.74 -38.12 -20.38
C THR A 18 8.04 -36.96 -19.63
N ILE A 19 7.16 -36.22 -20.32
CA ILE A 19 6.10 -35.55 -19.55
C ILE A 19 4.92 -36.52 -19.58
N PRO A 20 4.64 -37.14 -18.42
CA PRO A 20 3.67 -38.23 -18.39
C PRO A 20 2.28 -37.74 -18.76
N HIS A 21 1.63 -38.41 -19.70
CA HIS A 21 0.26 -38.02 -20.00
C HIS A 21 -0.66 -38.49 -18.89
N LEU A 22 -1.88 -37.95 -18.85
CA LEU A 22 -2.92 -38.38 -17.87
C LEU A 22 -4.33 -38.23 -18.45
N ALA A 23 -5.23 -39.17 -18.09
CA ALA A 23 -6.65 -39.08 -18.52
C ALA A 23 -7.47 -38.23 -17.56
N ILE A 24 -6.95 -38.03 -16.34
CA ILE A 24 -7.59 -37.21 -15.32
C ILE A 24 -8.17 -35.91 -15.89
N ASP A 25 -9.46 -35.72 -15.68
CA ASP A 25 -10.15 -34.50 -16.05
C ASP A 25 -10.43 -33.76 -14.79
N PRO A 26 -9.63 -32.73 -14.48
CA PRO A 26 -9.75 -32.02 -13.20
C PRO A 26 -10.91 -31.03 -13.18
N PHE A 27 -11.78 -31.08 -14.20
CA PHE A 27 -12.96 -30.22 -14.34
C PHE A 27 -14.23 -31.03 -14.53
N SER A 28 -14.17 -32.30 -14.12
CA SER A 28 -15.26 -33.24 -14.27
C SER A 28 -16.01 -33.41 -12.96
N LEU A 29 -17.30 -33.75 -13.05
CA LEU A 29 -18.13 -33.87 -11.85
C LEU A 29 -17.63 -35.00 -10.96
N ASP A 30 -17.20 -36.11 -11.56
CA ASP A 30 -16.68 -37.19 -10.75
C ASP A 30 -15.42 -36.75 -9.98
N PHE A 31 -14.59 -35.92 -10.62
CA PHE A 31 -13.39 -35.33 -10.01
C PHE A 31 -13.72 -34.38 -8.85
N PHE A 32 -14.73 -33.54 -9.03
CA PHE A 32 -15.06 -32.56 -8.00
C PHE A 32 -15.56 -33.24 -6.77
N ASP A 33 -16.30 -34.34 -6.93
CA ASP A 33 -16.87 -35.11 -5.79
C ASP A 33 -15.78 -35.73 -4.96
N ASP A 34 -14.75 -36.19 -5.63
CA ASP A 34 -13.68 -36.92 -4.98
C ASP A 34 -12.36 -36.45 -5.54
N PRO A 35 -11.96 -35.23 -5.21
CA PRO A 35 -10.76 -34.70 -5.83
C PRO A 35 -9.46 -35.39 -5.38
N TYR A 36 -9.42 -35.76 -4.11
CA TYR A 36 -8.16 -35.91 -3.40
C TYR A 36 -7.20 -37.08 -3.77
N PRO A 37 -7.75 -38.28 -4.09
CA PRO A 37 -6.91 -39.32 -4.69
C PRO A 37 -6.28 -38.88 -6.01
N ASP A 38 -7.06 -38.23 -6.89
CA ASP A 38 -6.60 -37.79 -8.19
C ASP A 38 -5.59 -36.65 -8.14
N GLN A 39 -5.70 -35.82 -7.11
CA GLN A 39 -4.76 -34.74 -6.96
C GLN A 39 -3.42 -35.35 -6.72
N GLN A 40 -3.37 -36.22 -5.70
CA GLN A 40 -2.21 -37.05 -5.37
C GLN A 40 -1.53 -37.62 -6.60
N THR A 41 -2.29 -38.28 -7.46
CA THR A 41 -1.75 -38.74 -8.74
C THR A 41 -0.99 -37.62 -9.44
N LEU A 42 -1.67 -36.50 -9.66
CA LEU A 42 -1.06 -35.38 -10.38
C LEU A 42 0.22 -34.81 -9.74
N ARG A 43 0.49 -35.08 -8.46
CA ARG A 43 1.77 -34.64 -7.85
C ARG A 43 2.85 -35.72 -8.02
N ASP A 44 2.42 -36.97 -8.00
CA ASP A 44 3.32 -38.11 -7.99
C ASP A 44 3.49 -38.68 -9.40
N ALA A 45 3.03 -37.90 -10.38
CA ALA A 45 3.12 -38.32 -11.75
C ALA A 45 4.31 -37.63 -12.39
N GLY A 46 4.82 -36.60 -11.70
CA GLY A 46 5.99 -35.81 -12.13
C GLY A 46 5.79 -34.41 -11.59
N PRO A 47 6.82 -33.55 -11.62
CA PRO A 47 6.42 -32.20 -11.27
C PRO A 47 5.76 -31.44 -12.46
N VAL A 48 5.74 -32.04 -13.64
CA VAL A 48 4.98 -31.50 -14.74
C VAL A 48 4.25 -32.64 -15.41
N VAL A 49 2.99 -32.40 -15.75
CA VAL A 49 2.16 -33.40 -16.39
C VAL A 49 1.40 -32.80 -17.57
N TYR A 50 1.04 -33.68 -18.51
CA TYR A 50 0.22 -33.39 -19.66
C TYR A 50 -1.09 -34.14 -19.51
N LEU A 51 -2.17 -33.35 -19.48
CA LEU A 51 -3.52 -33.84 -19.44
C LEU A 51 -3.93 -34.01 -20.86
N ASP A 52 -4.07 -35.24 -21.28
CA ASP A 52 -4.47 -35.58 -22.62
C ASP A 52 -5.86 -35.05 -22.88
N LYS A 53 -6.63 -34.92 -21.82
CA LYS A 53 -7.99 -34.53 -21.96
C LYS A 53 -8.23 -33.18 -22.60
N TRP A 54 -7.42 -32.19 -22.24
CA TRP A 54 -7.63 -30.80 -22.65
C TRP A 54 -6.46 -30.20 -23.39
N ASN A 55 -5.44 -30.98 -23.61
CA ASN A 55 -4.20 -30.55 -24.25
C ASN A 55 -3.47 -29.45 -23.53
N VAL A 56 -3.25 -29.61 -22.23
CA VAL A 56 -2.64 -28.54 -21.51
C VAL A 56 -1.65 -29.09 -20.50
N TYR A 57 -0.55 -28.39 -20.26
CA TYR A 57 0.38 -28.85 -19.23
C TYR A 57 -0.18 -28.44 -17.90
N GLY A 58 0.16 -29.16 -16.85
CA GLY A 58 -0.25 -28.74 -15.53
C GLY A 58 0.80 -29.09 -14.48
N VAL A 59 0.88 -28.29 -13.43
CA VAL A 59 1.75 -28.58 -12.34
C VAL A 59 0.97 -28.58 -11.02
N ALA A 60 1.05 -29.69 -10.27
CA ALA A 60 0.34 -29.80 -9.02
C ALA A 60 1.13 -29.61 -7.70
N ARG A 61 2.46 -29.67 -7.71
CA ARG A 61 3.20 -29.59 -6.43
C ARG A 61 3.40 -28.18 -5.93
N TYR A 62 3.54 -28.04 -4.62
CA TYR A 62 3.73 -26.72 -4.06
C TYR A 62 4.96 -26.10 -4.69
N ALA A 63 6.00 -26.93 -4.83
CA ALA A 63 7.30 -26.52 -5.39
C ALA A 63 7.18 -25.66 -6.63
N GLU A 64 6.68 -26.28 -7.71
CA GLU A 64 6.47 -25.62 -9.01
C GLU A 64 5.46 -24.47 -8.96
N VAL A 65 4.21 -24.78 -8.60
CA VAL A 65 3.15 -23.78 -8.40
C VAL A 65 3.62 -22.42 -7.90
N HIS A 66 4.34 -22.45 -6.77
CA HIS A 66 4.88 -21.25 -6.15
C HIS A 66 5.82 -20.51 -7.12
N ALA A 67 6.72 -21.25 -7.75
CA ALA A 67 7.69 -20.67 -8.64
C ALA A 67 6.93 -19.97 -9.75
N VAL A 68 5.90 -20.62 -10.26
CA VAL A 68 5.16 -20.10 -11.38
C VAL A 68 4.53 -18.79 -10.99
N LEU A 69 3.87 -18.78 -9.84
CA LEU A 69 3.19 -17.56 -9.37
C LEU A 69 4.17 -16.43 -9.16
N ASN A 70 5.40 -16.76 -8.80
CA ASN A 70 6.35 -15.72 -8.49
C ASN A 70 7.20 -15.26 -9.67
N ASP A 71 6.95 -15.84 -10.85
CA ASP A 71 7.54 -15.33 -12.08
C ASP A 71 6.49 -14.87 -13.11
N PRO A 72 5.99 -13.64 -12.92
CA PRO A 72 4.98 -13.07 -13.75
C PRO A 72 5.53 -12.79 -15.09
N THR A 73 6.84 -12.72 -15.21
CA THR A 73 7.42 -12.29 -16.47
C THR A 73 7.43 -13.43 -17.48
N THR A 74 7.71 -14.61 -16.98
CA THR A 74 7.73 -15.81 -17.78
C THR A 74 6.31 -16.37 -17.90
N PHE A 75 5.58 -16.37 -16.80
CA PHE A 75 4.23 -16.92 -16.77
C PHE A 75 3.26 -15.76 -16.61
N CYS A 76 2.93 -15.13 -17.73
CA CYS A 76 2.07 -13.98 -17.69
C CYS A 76 0.63 -14.38 -17.45
N SER A 77 -0.13 -13.41 -16.95
CA SER A 77 -1.56 -13.53 -16.77
C SER A 77 -2.34 -12.81 -17.87
N SER A 78 -1.68 -11.96 -18.66
CA SER A 78 -2.42 -11.10 -19.59
C SER A 78 -2.97 -11.79 -20.81
N ARG A 79 -2.74 -13.10 -20.95
CA ARG A 79 -3.29 -13.87 -22.05
C ARG A 79 -4.36 -14.81 -21.55
N GLY A 80 -5.08 -14.39 -20.52
CA GLY A 80 -6.02 -15.26 -19.82
C GLY A 80 -5.39 -16.06 -18.70
N VAL A 81 -6.13 -16.20 -17.60
CA VAL A 81 -5.77 -17.10 -16.54
C VAL A 81 -6.77 -18.24 -16.49
N GLY A 82 -7.72 -18.27 -17.44
CA GLY A 82 -8.47 -19.51 -17.67
C GLY A 82 -7.85 -20.25 -18.85
N LEU A 83 -8.38 -21.42 -19.17
CA LEU A 83 -7.88 -22.18 -20.33
C LEU A 83 -7.64 -21.39 -21.60
N SER A 84 -8.61 -20.57 -21.99
CA SER A 84 -8.57 -19.87 -23.28
C SER A 84 -7.47 -18.87 -23.26
N ASP A 85 -6.53 -19.05 -24.15
CA ASP A 85 -5.56 -18.06 -24.55
C ASP A 85 -6.21 -16.86 -25.24
N PHE A 86 -6.12 -15.69 -24.63
CA PHE A 86 -6.65 -14.45 -25.23
C PHE A 86 -5.89 -14.03 -26.48
N LYS A 87 -4.59 -14.30 -26.53
CA LYS A 87 -3.89 -14.01 -27.77
C LYS A 87 -4.61 -14.63 -28.98
N LYS A 88 -5.29 -15.77 -28.82
CA LYS A 88 -5.90 -16.45 -29.95
C LYS A 88 -7.43 -16.35 -30.06
N GLU A 89 -8.12 -16.26 -28.93
CA GLU A 89 -9.58 -16.41 -28.92
C GLU A 89 -10.28 -15.17 -28.38
N LYS A 90 -11.54 -14.97 -28.75
CA LYS A 90 -12.36 -13.89 -28.17
C LYS A 90 -12.77 -14.20 -26.71
N PRO A 91 -12.27 -13.38 -25.75
CA PRO A 91 -12.76 -13.49 -24.38
C PRO A 91 -14.29 -13.52 -24.36
N TRP A 92 -14.88 -13.96 -23.26
CA TRP A 92 -16.32 -14.00 -23.21
C TRP A 92 -16.81 -12.63 -22.75
N ARG A 93 -15.88 -11.87 -22.16
CA ARG A 93 -16.07 -10.46 -21.79
C ARG A 93 -14.70 -9.76 -21.84
N PRO A 94 -14.68 -8.42 -21.99
CA PRO A 94 -13.35 -7.80 -21.92
C PRO A 94 -12.74 -8.13 -20.55
N PRO A 95 -11.44 -8.52 -20.53
CA PRO A 95 -10.71 -9.07 -19.39
C PRO A 95 -10.61 -8.11 -18.23
N SER A 96 -10.28 -8.63 -17.04
CA SER A 96 -9.90 -7.81 -15.88
C SER A 96 -8.79 -6.81 -16.18
N LEU A 97 -8.83 -5.66 -15.51
CA LEU A 97 -7.73 -4.73 -15.55
C LEU A 97 -6.72 -5.17 -14.52
N ILE A 98 -7.19 -5.87 -13.50
CA ILE A 98 -6.27 -6.27 -12.46
C ILE A 98 -5.77 -7.72 -12.60
N LEU A 99 -6.67 -8.64 -12.89
CA LEU A 99 -6.31 -10.05 -12.88
C LEU A 99 -5.67 -10.48 -14.22
N GLU A 100 -6.20 -9.96 -15.31
CA GLU A 100 -5.75 -10.42 -16.60
C GLU A 100 -4.88 -9.31 -17.19
N ALA A 101 -3.98 -8.77 -16.34
CA ALA A 101 -2.97 -7.80 -16.77
C ALA A 101 -1.63 -8.06 -16.12
N ASP A 102 -0.57 -7.64 -16.78
CA ASP A 102 0.78 -7.84 -16.28
C ASP A 102 1.51 -6.53 -15.98
N PRO A 103 2.42 -6.54 -14.97
CA PRO A 103 3.31 -5.39 -14.75
C PRO A 103 4.00 -5.05 -16.08
N PRO A 104 4.05 -3.76 -16.46
CA PRO A 104 3.72 -2.56 -15.71
C PRO A 104 2.21 -2.26 -15.54
N ALA A 105 1.39 -2.71 -16.48
CA ALA A 105 0.02 -2.22 -16.59
C ALA A 105 -0.80 -2.51 -15.34
N HIS A 106 -0.46 -3.63 -14.71
CA HIS A 106 -1.19 -4.14 -13.58
C HIS A 106 -1.00 -3.31 -12.36
N THR A 107 0.01 -2.46 -12.33
CA THR A 107 0.43 -1.80 -11.06
C THR A 107 -0.52 -0.71 -10.52
N ARG A 108 -0.81 0.27 -11.38
CA ARG A 108 -1.90 1.25 -11.18
C ARG A 108 -3.23 0.71 -10.56
N PRO A 109 -4.01 -0.16 -11.28
CA PRO A 109 -5.24 -0.67 -10.69
C PRO A 109 -5.01 -1.59 -9.51
N ARG A 110 -3.87 -2.28 -9.45
CA ARG A 110 -3.60 -3.00 -8.23
C ARG A 110 -3.50 -2.00 -7.10
N ALA A 111 -2.85 -0.87 -7.36
CA ALA A 111 -2.64 0.14 -6.32
C ALA A 111 -3.93 0.66 -5.71
N VAL A 112 -4.78 1.15 -6.62
CA VAL A 112 -6.10 1.70 -6.33
C VAL A 112 -6.94 0.71 -5.57
N LEU A 113 -6.97 -0.53 -6.03
CA LEU A 113 -7.60 -1.55 -5.21
C LEU A 113 -6.91 -1.73 -3.88
N SER A 114 -5.58 -1.66 -3.83
CA SER A 114 -4.87 -1.94 -2.60
C SER A 114 -5.25 -0.94 -1.52
N LYS A 115 -5.30 0.33 -1.90
CA LYS A 115 -5.65 1.40 -0.96
C LYS A 115 -7.05 1.16 -0.38
N VAL A 116 -8.01 1.05 -1.30
CA VAL A 116 -9.40 0.81 -0.99
C VAL A 116 -9.62 -0.28 0.04
N LEU A 117 -8.79 -1.32 0.05
CA LEU A 117 -9.03 -2.46 0.93
C LEU A 117 -7.95 -2.67 2.00
N SER A 118 -7.29 -1.58 2.40
CA SER A 118 -6.15 -1.59 3.31
C SER A 118 -6.51 -1.97 4.76
N PRO A 119 -5.50 -2.37 5.59
CA PRO A 119 -5.86 -2.67 6.98
C PRO A 119 -6.37 -1.43 7.72
N ALA A 120 -6.06 -0.25 7.18
CA ALA A 120 -6.71 0.99 7.60
C ALA A 120 -8.22 0.88 7.33
N THR A 121 -8.60 0.73 6.06
CA THR A 121 -10.00 0.58 5.68
C THR A 121 -10.65 -0.53 6.48
N MET A 122 -9.90 -1.58 6.78
CA MET A 122 -10.43 -2.67 7.57
C MET A 122 -10.80 -2.25 8.98
N LYS A 123 -9.88 -1.57 9.66
CA LYS A 123 -10.13 -1.08 11.01
C LYS A 123 -11.45 -0.29 11.09
N THR A 124 -11.69 0.58 10.10
CA THR A 124 -12.88 1.45 10.13
C THR A 124 -14.18 0.69 9.94
N ILE A 125 -14.11 -0.62 9.69
CA ILE A 125 -15.32 -1.41 9.44
C ILE A 125 -15.38 -2.71 10.21
N ARG A 126 -14.29 -3.07 10.88
CA ARG A 126 -14.26 -4.33 11.59
C ARG A 126 -15.43 -4.43 12.53
N ASP A 127 -15.69 -3.36 13.26
CA ASP A 127 -16.70 -3.38 14.32
C ASP A 127 -18.08 -3.79 13.87
N GLY A 128 -18.63 -3.07 12.87
CA GLY A 128 -19.79 -3.53 12.11
C GLY A 128 -19.76 -5.02 11.81
N PHE A 129 -18.66 -5.49 11.21
CA PHE A 129 -18.53 -6.89 10.83
C PHE A 129 -18.56 -7.85 12.04
N ALA A 130 -17.98 -7.45 13.16
CA ALA A 130 -17.93 -8.35 14.31
C ALA A 130 -19.29 -8.40 14.97
N ALA A 131 -20.02 -7.29 14.86
CA ALA A 131 -21.34 -7.15 15.48
C ALA A 131 -22.37 -8.07 14.82
N ALA A 132 -22.48 -7.94 13.50
CA ALA A 132 -23.33 -8.77 12.65
C ALA A 132 -22.96 -10.26 12.74
N ALA A 133 -21.68 -10.50 12.98
CA ALA A 133 -21.14 -11.85 13.12
C ALA A 133 -21.66 -12.48 14.40
N ASP A 134 -21.79 -11.66 15.44
CA ASP A 134 -22.26 -12.15 16.73
C ASP A 134 -23.78 -12.37 16.74
N ALA A 135 -24.52 -11.44 16.14
CA ALA A 135 -25.96 -11.54 15.96
C ALA A 135 -26.41 -12.75 15.12
N LYS A 136 -25.62 -13.12 14.11
CA LYS A 136 -25.98 -14.23 13.20
C LYS A 136 -25.78 -15.58 13.84
N VAL A 137 -24.76 -15.69 14.69
CA VAL A 137 -24.57 -16.92 15.44
C VAL A 137 -25.67 -17.04 16.49
N ASP A 138 -26.05 -15.90 17.08
CA ASP A 138 -27.20 -15.85 17.99
C ASP A 138 -28.49 -16.31 17.31
N GLU A 139 -28.93 -15.56 16.29
CA GLU A 139 -30.08 -15.92 15.47
C GLU A 139 -30.15 -17.43 15.24
N LEU A 140 -29.07 -18.04 14.75
CA LEU A 140 -29.12 -19.46 14.37
C LEU A 140 -29.23 -20.39 15.57
N LEU A 141 -28.57 -20.04 16.66
CA LEU A 141 -28.53 -20.90 17.85
C LEU A 141 -29.91 -21.25 18.41
N GLN A 142 -30.83 -20.31 18.21
CA GLN A 142 -32.20 -20.45 18.63
C GLN A 142 -33.01 -21.39 17.71
N ARG A 143 -32.48 -21.68 16.53
CA ARG A 143 -33.11 -22.67 15.68
C ARG A 143 -32.65 -24.08 16.01
N GLY A 144 -31.36 -24.27 16.28
CA GLY A 144 -30.83 -25.64 16.33
C GLY A 144 -30.44 -26.06 14.93
N CYS A 145 -31.26 -26.92 14.28
CA CYS A 145 -30.95 -27.38 12.90
C CYS A 145 -30.94 -26.25 11.87
N ILE A 146 -29.74 -25.78 11.53
CA ILE A 146 -29.57 -24.72 10.53
C ILE A 146 -28.73 -25.29 9.40
N ASP A 147 -28.81 -24.68 8.22
CA ASP A 147 -27.96 -25.09 7.12
C ASP A 147 -26.77 -24.18 7.10
N ALA A 148 -25.61 -24.75 7.43
CA ALA A 148 -24.37 -23.99 7.59
C ALA A 148 -23.94 -23.13 6.38
N ILE A 149 -24.43 -23.49 5.18
CA ILE A 149 -24.24 -22.66 4.01
C ILE A 149 -25.23 -21.50 3.94
N ALA A 150 -26.48 -21.81 3.59
CA ALA A 150 -27.49 -20.82 3.30
C ALA A 150 -27.81 -19.94 4.50
N ASP A 151 -27.63 -20.51 5.69
CA ASP A 151 -27.96 -19.80 6.92
C ASP A 151 -26.80 -19.11 7.62
N LEU A 152 -25.60 -19.32 7.08
CA LEU A 152 -24.37 -18.83 7.69
C LEU A 152 -23.35 -18.42 6.61
N ALA A 153 -22.81 -19.41 5.89
CA ALA A 153 -21.76 -19.17 4.91
C ALA A 153 -22.19 -18.29 3.78
N GLU A 154 -23.42 -18.46 3.29
CA GLU A 154 -24.05 -17.51 2.38
C GLU A 154 -24.55 -16.28 3.16
N ALA A 155 -25.37 -16.51 4.18
CA ALA A 155 -26.11 -15.45 4.83
C ALA A 155 -25.19 -14.36 5.35
N TYR A 156 -24.17 -14.77 6.12
CA TYR A 156 -23.30 -13.77 6.75
C TYR A 156 -22.53 -12.93 5.73
N PRO A 157 -21.73 -13.58 4.85
CA PRO A 157 -21.12 -12.74 3.86
C PRO A 157 -22.14 -11.85 3.17
N LEU A 158 -23.30 -12.41 2.80
CA LEU A 158 -24.29 -11.65 2.05
C LEU A 158 -24.70 -10.40 2.79
N SER A 159 -25.02 -10.55 4.07
CA SER A 159 -25.45 -9.41 4.83
C SER A 159 -24.42 -8.29 4.79
N VAL A 160 -23.14 -8.62 5.01
CA VAL A 160 -22.07 -7.61 5.25
C VAL A 160 -21.42 -7.02 4.03
N PHE A 161 -20.89 -7.90 3.18
CA PHE A 161 -20.11 -7.50 2.04
C PHE A 161 -20.82 -6.56 1.08
N PRO A 162 -21.98 -6.96 0.52
CA PRO A 162 -22.63 -5.97 -0.35
C PRO A 162 -22.79 -4.60 0.34
N ASP A 163 -23.27 -4.58 1.58
CA ASP A 163 -23.43 -3.29 2.28
C ASP A 163 -22.09 -2.59 2.31
N ALA A 164 -21.03 -3.33 2.65
CA ALA A 164 -19.66 -2.77 2.70
C ALA A 164 -19.18 -2.21 1.34
N MET A 165 -19.68 -2.78 0.25
CA MET A 165 -19.50 -2.21 -1.08
C MET A 165 -20.36 -0.98 -1.23
N GLY A 166 -21.49 -0.95 -0.52
CA GLY A 166 -22.43 0.16 -0.63
C GLY A 166 -23.39 -0.02 -1.79
N LEU A 167 -23.89 -1.25 -1.89
CA LEU A 167 -24.76 -1.68 -2.95
C LEU A 167 -26.22 -1.41 -2.59
N LYS A 168 -27.08 -1.30 -3.61
CA LYS A 168 -28.52 -1.36 -3.37
C LYS A 168 -28.99 -2.66 -2.70
N GLN A 169 -30.24 -2.70 -2.22
CA GLN A 169 -30.81 -3.91 -1.61
C GLN A 169 -31.34 -4.90 -2.66
N GLU A 170 -32.06 -4.34 -3.61
CA GLU A 170 -32.61 -5.03 -4.76
C GLU A 170 -31.52 -5.65 -5.63
N GLY A 171 -31.70 -6.88 -6.06
CA GLY A 171 -30.75 -7.46 -7.02
C GLY A 171 -29.69 -8.39 -6.46
N ARG A 172 -29.41 -8.30 -5.17
CA ARG A 172 -28.40 -9.13 -4.55
C ARG A 172 -28.60 -10.64 -4.81
N GLU A 173 -29.78 -11.01 -5.30
CA GLU A 173 -30.03 -12.38 -5.77
C GLU A 173 -28.90 -12.79 -6.68
N HIS A 174 -28.43 -11.83 -7.48
CA HIS A 174 -27.61 -12.10 -8.67
C HIS A 174 -26.17 -12.31 -8.35
N LEU A 175 -25.77 -11.83 -7.19
CA LEU A 175 -24.36 -11.83 -6.81
C LEU A 175 -23.70 -13.21 -6.89
N LEU A 176 -24.23 -14.19 -6.20
CA LEU A 176 -23.57 -15.46 -6.23
C LEU A 176 -23.62 -16.09 -7.62
N PRO A 177 -24.77 -16.05 -8.29
CA PRO A 177 -24.83 -16.61 -9.66
C PRO A 177 -23.92 -15.88 -10.65
N TYR A 178 -23.73 -14.58 -10.42
CA TYR A 178 -22.83 -13.80 -11.25
C TYR A 178 -21.41 -14.31 -11.08
N ALA A 179 -20.97 -14.45 -9.82
CA ALA A 179 -19.59 -14.82 -9.50
C ALA A 179 -19.32 -16.24 -9.92
N GLY A 180 -20.34 -17.10 -9.77
CA GLY A 180 -20.27 -18.49 -10.21
C GLY A 180 -20.01 -18.61 -11.70
N LEU A 181 -20.65 -17.74 -12.48
CA LEU A 181 -20.49 -17.61 -13.94
C LEU A 181 -19.05 -17.34 -14.28
N VAL A 182 -18.57 -16.20 -13.77
CA VAL A 182 -17.17 -15.81 -13.86
C VAL A 182 -16.23 -16.97 -13.55
N PHE A 183 -16.38 -17.57 -12.38
CA PHE A 183 -15.57 -18.70 -11.99
C PHE A 183 -15.73 -19.93 -12.86
N ASN A 184 -16.89 -20.08 -13.48
CA ASN A 184 -17.08 -21.18 -14.41
C ASN A 184 -16.40 -20.93 -15.72
N ALA A 185 -16.30 -19.66 -16.11
CA ALA A 185 -15.81 -19.27 -17.44
C ALA A 185 -14.32 -19.45 -17.60
N PHE A 186 -13.61 -19.51 -16.48
CA PHE A 186 -12.20 -19.84 -16.51
C PHE A 186 -11.96 -21.25 -17.03
N GLY A 187 -12.80 -22.20 -16.66
CA GLY A 187 -12.63 -23.59 -17.11
C GLY A 187 -12.71 -23.80 -18.61
N PRO A 188 -12.63 -25.07 -19.03
CA PRO A 188 -12.69 -25.51 -20.40
C PRO A 188 -14.12 -25.44 -20.93
N PRO A 189 -14.30 -25.58 -22.24
CA PRO A 189 -15.65 -25.37 -22.76
C PRO A 189 -16.55 -26.58 -22.57
N ASN A 190 -16.70 -27.04 -21.32
CA ASN A 190 -17.68 -28.07 -20.92
C ASN A 190 -19.08 -27.51 -20.59
N GLU A 191 -19.95 -28.40 -20.11
CA GLU A 191 -21.39 -28.13 -19.85
C GLU A 191 -21.55 -27.01 -18.83
N LEU A 192 -20.94 -27.17 -17.67
CA LEU A 192 -20.96 -26.13 -16.66
C LEU A 192 -20.74 -24.79 -17.29
N ARG A 193 -19.67 -24.69 -18.08
CA ARG A 193 -19.27 -23.40 -18.62
C ARG A 193 -20.29 -22.87 -19.59
N GLN A 194 -20.63 -23.68 -20.58
CA GLN A 194 -21.52 -23.22 -21.65
C GLN A 194 -22.83 -22.72 -21.04
N THR A 195 -23.47 -23.57 -20.25
CA THR A 195 -24.74 -23.25 -19.64
C THR A 195 -24.66 -21.90 -18.95
N ALA A 196 -23.73 -21.80 -18.00
CA ALA A 196 -23.45 -20.57 -17.25
C ALA A 196 -23.41 -19.32 -18.14
N ILE A 197 -22.75 -19.43 -19.30
CA ILE A 197 -22.73 -18.33 -20.25
C ILE A 197 -24.13 -17.98 -20.78
N GLU A 198 -24.86 -18.96 -21.28
CA GLU A 198 -26.12 -18.63 -21.92
C GLU A 198 -27.18 -18.14 -20.94
N ARG A 199 -27.02 -18.45 -19.67
CA ARG A 199 -27.93 -17.92 -18.67
C ARG A 199 -27.46 -16.58 -18.11
N SER A 200 -26.43 -15.99 -18.73
CA SER A 200 -25.62 -14.96 -18.06
C SER A 200 -26.16 -13.54 -18.08
N ALA A 201 -26.78 -13.14 -19.20
CA ALA A 201 -27.18 -11.75 -19.49
C ALA A 201 -27.82 -10.97 -18.33
N PRO A 202 -28.97 -11.44 -17.80
CA PRO A 202 -29.51 -10.63 -16.70
C PRO A 202 -28.54 -10.40 -15.54
N HIS A 203 -27.68 -11.38 -15.22
CA HIS A 203 -26.66 -11.24 -14.14
C HIS A 203 -25.69 -10.08 -14.44
N GLN A 204 -25.05 -10.17 -15.59
CA GLN A 204 -24.23 -9.08 -16.03
C GLN A 204 -25.06 -7.80 -15.95
N ALA A 205 -26.12 -7.68 -16.76
CA ALA A 205 -26.93 -6.45 -16.81
C ALA A 205 -27.16 -5.84 -15.42
N TYR A 206 -27.34 -6.71 -14.41
CA TYR A 206 -27.46 -6.30 -13.02
C TYR A 206 -26.18 -5.74 -12.47
N VAL A 207 -25.07 -6.47 -12.64
CA VAL A 207 -23.77 -6.02 -12.12
C VAL A 207 -23.32 -4.71 -12.77
N ASN A 208 -23.34 -4.66 -14.11
CA ASN A 208 -22.96 -3.45 -14.85
C ASN A 208 -23.67 -2.21 -14.39
N GLU A 209 -24.86 -2.40 -13.84
CA GLU A 209 -25.70 -1.35 -13.32
C GLU A 209 -25.14 -0.85 -11.99
N GLN A 210 -24.73 -1.76 -11.11
CA GLN A 210 -24.25 -1.39 -9.78
C GLN A 210 -22.82 -0.86 -9.78
N CYS A 211 -22.09 -1.04 -10.87
CA CYS A 211 -20.76 -0.48 -10.99
C CYS A 211 -20.75 1.04 -11.25
N GLN A 212 -21.84 1.57 -11.81
CA GLN A 212 -21.95 3.00 -12.11
C GLN A 212 -21.97 3.88 -10.88
N ARG A 213 -21.32 5.04 -10.97
CA ARG A 213 -21.14 5.86 -9.76
C ARG A 213 -22.39 6.09 -8.91
N PRO A 214 -23.51 6.51 -9.53
CA PRO A 214 -24.61 6.95 -8.68
C PRO A 214 -25.24 5.84 -7.83
N ASN A 215 -24.91 4.57 -8.14
CA ASN A 215 -25.53 3.42 -7.49
C ASN A 215 -24.73 2.84 -6.35
N LEU A 216 -23.73 3.59 -5.95
CA LEU A 216 -22.83 3.18 -4.90
C LEU A 216 -22.84 4.27 -3.87
N ALA A 217 -23.40 3.94 -2.70
CA ALA A 217 -23.54 4.86 -1.57
C ALA A 217 -22.17 5.33 -1.11
N PRO A 218 -22.08 6.60 -0.71
CA PRO A 218 -20.76 7.09 -0.27
C PRO A 218 -20.32 6.38 1.03
N GLY A 219 -19.00 6.25 1.20
CA GLY A 219 -18.46 5.41 2.28
C GLY A 219 -18.01 4.05 1.76
N GLY A 220 -18.85 3.41 0.95
CA GLY A 220 -18.56 2.06 0.48
C GLY A 220 -17.37 1.94 -0.45
N PHE A 221 -16.82 0.73 -0.54
CA PHE A 221 -15.72 0.46 -1.46
C PHE A 221 -16.03 0.95 -2.86
N GLY A 222 -17.29 0.88 -3.25
CA GLY A 222 -17.68 1.33 -4.56
C GLY A 222 -17.38 2.79 -4.77
N ALA A 223 -17.81 3.60 -3.82
CA ALA A 223 -17.60 5.04 -3.94
C ALA A 223 -16.14 5.41 -3.66
N CYS A 224 -15.52 4.74 -2.68
CA CYS A 224 -14.12 4.99 -2.36
CA CYS A 224 -14.13 4.96 -2.34
C CYS A 224 -13.28 4.74 -3.58
N ILE A 225 -13.63 3.71 -4.32
CA ILE A 225 -12.97 3.37 -5.58
C ILE A 225 -13.22 4.47 -6.59
N HIS A 226 -14.42 5.02 -6.56
CA HIS A 226 -14.78 5.99 -7.57
C HIS A 226 -14.03 7.31 -7.41
N ALA A 227 -13.82 7.73 -6.17
CA ALA A 227 -13.09 8.96 -5.90
C ALA A 227 -11.79 9.05 -6.72
N PHE A 228 -11.16 7.89 -6.93
CA PHE A 228 -9.91 7.84 -7.67
C PHE A 228 -10.06 8.37 -9.08
N THR A 229 -11.30 8.56 -9.55
CA THR A 229 -11.51 9.18 -10.88
C THR A 229 -11.18 10.67 -10.83
N ASP A 230 -11.46 11.27 -9.67
CA ASP A 230 -11.46 12.71 -9.47
C ASP A 230 -10.04 13.27 -9.42
N THR A 231 -9.09 12.45 -8.96
CA THR A 231 -7.69 12.84 -8.85
C THR A 231 -6.91 12.59 -10.17
N GLY A 232 -7.44 11.68 -10.99
CA GLY A 232 -6.80 11.27 -12.23
C GLY A 232 -6.25 9.86 -12.08
N GLU A 233 -6.33 9.34 -10.86
CA GLU A 233 -5.66 8.10 -10.54
C GLU A 233 -6.15 6.99 -11.49
N ILE A 234 -7.46 6.90 -11.67
CA ILE A 234 -8.08 6.06 -12.71
C ILE A 234 -8.99 6.90 -13.66
N THR A 235 -9.33 6.33 -14.82
CA THR A 235 -10.28 6.98 -15.71
C THR A 235 -11.69 6.59 -15.27
N PRO A 236 -12.72 7.27 -15.81
CA PRO A 236 -14.12 6.94 -15.46
C PRO A 236 -14.65 5.75 -16.28
N ASP A 237 -13.92 5.38 -17.32
CA ASP A 237 -14.19 4.14 -17.98
C ASP A 237 -13.67 2.99 -17.16
N GLU A 238 -12.54 3.20 -16.47
CA GLU A 238 -11.87 2.15 -15.70
C GLU A 238 -12.54 1.98 -14.35
N ALA A 239 -13.19 3.03 -13.90
CA ALA A 239 -13.83 3.06 -12.61
C ALA A 239 -14.85 1.93 -12.36
N PRO A 240 -15.86 1.79 -13.25
CA PRO A 240 -16.83 0.71 -13.11
C PRO A 240 -16.16 -0.66 -13.26
N LEU A 241 -15.19 -0.78 -14.17
CA LEU A 241 -14.50 -2.07 -14.39
C LEU A 241 -13.80 -2.58 -13.14
N LEU A 242 -13.37 -1.66 -12.29
CA LEU A 242 -12.65 -2.01 -11.10
C LEU A 242 -13.57 -2.40 -9.98
N VAL A 243 -14.83 -2.03 -10.13
CA VAL A 243 -15.84 -2.36 -9.15
C VAL A 243 -16.32 -3.76 -9.50
N ARG A 244 -16.71 -3.95 -10.76
CA ARG A 244 -17.05 -5.26 -11.27
C ARG A 244 -16.10 -6.26 -10.63
N SER A 245 -14.81 -5.93 -10.72
CA SER A 245 -13.72 -6.72 -10.15
C SER A 245 -13.96 -7.27 -8.74
N LEU A 246 -14.38 -6.41 -7.82
CA LEU A 246 -14.74 -6.86 -6.46
C LEU A 246 -16.06 -7.59 -6.38
N LEU A 247 -16.92 -7.43 -7.39
CA LEU A 247 -18.23 -8.10 -7.38
C LEU A 247 -18.12 -9.46 -8.03
N SER A 248 -17.00 -9.67 -8.74
CA SER A 248 -16.67 -10.99 -9.20
C SER A 248 -15.92 -11.76 -8.09
N ALA A 249 -14.74 -11.29 -7.68
CA ALA A 249 -13.88 -12.02 -6.74
C ALA A 249 -14.29 -11.96 -5.27
N GLY A 250 -15.20 -11.04 -4.94
CA GLY A 250 -15.46 -10.70 -3.55
C GLY A 250 -16.32 -11.59 -2.65
N LEU A 251 -17.37 -12.22 -3.17
CA LEU A 251 -18.35 -12.93 -2.32
C LEU A 251 -18.21 -14.46 -2.30
N ASP A 252 -18.42 -15.08 -3.46
CA ASP A 252 -18.44 -16.54 -3.59
C ASP A 252 -17.30 -17.18 -2.87
N THR A 253 -16.10 -16.72 -3.22
CA THR A 253 -14.84 -17.07 -2.57
C THR A 253 -15.03 -17.18 -1.06
N THR A 254 -15.46 -16.09 -0.44
CA THR A 254 -15.55 -16.03 1.01
C THR A 254 -16.66 -16.94 1.51
N VAL A 255 -17.83 -16.87 0.88
CA VAL A 255 -18.93 -17.76 1.19
C VAL A 255 -18.32 -19.13 1.29
N ASN A 256 -17.63 -19.52 0.23
CA ASN A 256 -17.03 -20.82 0.15
C ASN A 256 -15.95 -21.11 1.20
N GLY A 257 -15.22 -20.07 1.57
CA GLY A 257 -14.18 -20.19 2.59
C GLY A 257 -14.77 -20.46 3.97
N ILE A 258 -15.59 -19.50 4.43
CA ILE A 258 -16.39 -19.65 5.64
C ILE A 258 -17.13 -20.98 5.69
N GLY A 259 -17.76 -21.38 4.60
CA GLY A 259 -18.42 -22.68 4.57
C GLY A 259 -17.41 -23.77 4.81
N ALA A 260 -16.26 -23.65 4.15
CA ALA A 260 -15.23 -24.68 4.24
C ALA A 260 -14.80 -24.86 5.69
N ALA A 261 -14.51 -23.72 6.33
CA ALA A 261 -14.12 -23.68 7.74
C ALA A 261 -15.07 -24.47 8.60
N VAL A 262 -16.33 -24.05 8.61
CA VAL A 262 -17.37 -24.70 9.41
C VAL A 262 -17.34 -26.20 9.16
N TYR A 263 -17.25 -26.58 7.89
CA TYR A 263 -17.19 -27.99 7.57
C TYR A 263 -16.09 -28.72 8.37
N CYS A 264 -15.00 -28.01 8.63
CA CYS A 264 -13.82 -28.54 9.30
C CYS A 264 -14.11 -28.81 10.77
N LEU A 265 -14.42 -27.74 11.49
CA LEU A 265 -14.81 -27.83 12.89
C LEU A 265 -15.90 -28.86 13.11
N ALA A 266 -16.65 -29.15 12.06
CA ALA A 266 -17.70 -30.17 12.13
C ALA A 266 -17.10 -31.58 12.05
N ARG A 267 -16.07 -31.75 11.24
CA ARG A 267 -15.47 -33.05 11.06
C ARG A 267 -14.28 -33.25 12.02
N PHE A 268 -13.86 -32.19 12.70
CA PHE A 268 -12.71 -32.27 13.63
C PHE A 268 -13.10 -31.74 15.02
N PRO A 269 -13.91 -32.52 15.75
CA PRO A 269 -14.53 -31.99 16.96
C PRO A 269 -13.50 -31.36 17.88
N GLY A 270 -12.45 -32.11 18.19
CA GLY A 270 -11.39 -31.68 19.11
C GLY A 270 -10.77 -30.34 18.76
N GLU A 271 -10.57 -30.11 17.46
CA GLU A 271 -9.95 -28.87 16.96
C GLU A 271 -10.80 -27.64 17.25
N LEU A 272 -12.10 -27.89 17.39
CA LEU A 272 -13.10 -26.90 17.79
C LEU A 272 -12.93 -26.52 19.26
N GLN A 273 -12.93 -27.55 20.12
CA GLN A 273 -12.62 -27.38 21.54
C GLN A 273 -11.34 -26.57 21.73
N ARG A 274 -10.31 -26.89 20.95
CA ARG A 274 -9.08 -26.10 20.92
C ARG A 274 -9.33 -24.62 20.58
N LEU A 275 -10.28 -24.35 19.67
CA LEU A 275 -10.62 -22.97 19.30
C LEU A 275 -11.44 -22.30 20.38
N ARG A 276 -12.48 -23.00 20.87
CA ARG A 276 -13.32 -22.46 21.94
C ARG A 276 -12.43 -22.03 23.10
N SER A 277 -11.64 -22.99 23.58
CA SER A 277 -10.59 -22.78 24.58
C SER A 277 -9.69 -21.57 24.28
N ASP A 278 -9.15 -21.49 23.06
CA ASP A 278 -8.51 -20.24 22.59
C ASP A 278 -9.19 -19.59 21.35
N PRO A 279 -10.14 -18.67 21.60
CA PRO A 279 -10.87 -17.92 20.57
C PRO A 279 -10.04 -16.82 19.87
N THR A 280 -8.77 -16.67 20.24
CA THR A 280 -7.92 -15.67 19.60
C THR A 280 -7.21 -16.33 18.40
N LEU A 281 -7.29 -17.67 18.37
CA LEU A 281 -6.85 -18.48 17.21
C LEU A 281 -7.82 -18.38 16.04
N ALA A 282 -8.89 -17.64 16.23
CA ALA A 282 -9.83 -17.36 15.17
C ALA A 282 -9.43 -17.08 13.76
N ARG A 283 -8.73 -15.98 13.61
CA ARG A 283 -8.07 -15.67 12.37
C ARG A 283 -7.29 -16.86 11.79
N ASN A 284 -6.57 -17.58 12.63
CA ASN A 284 -5.74 -18.63 12.06
C ASN A 284 -6.51 -19.87 11.67
N ALA A 285 -7.63 -20.09 12.35
CA ALA A 285 -8.50 -21.23 12.06
C ALA A 285 -9.11 -21.08 10.66
N PHE A 286 -9.50 -19.85 10.33
CA PHE A 286 -10.00 -19.55 9.01
C PHE A 286 -8.87 -19.85 8.06
N GLU A 287 -7.72 -19.20 8.25
CA GLU A 287 -6.64 -19.41 7.29
C GLU A 287 -6.35 -20.89 7.00
N GLU A 288 -6.18 -21.70 8.04
CA GLU A 288 -5.83 -23.09 7.80
C GLU A 288 -6.92 -23.76 6.96
N ALA A 289 -8.16 -23.27 7.11
CA ALA A 289 -9.32 -23.76 6.35
C ALA A 289 -9.22 -23.42 4.86
N VAL A 290 -8.79 -22.18 4.58
CA VAL A 290 -8.38 -21.82 3.22
C VAL A 290 -7.30 -22.77 2.67
N ARG A 291 -6.29 -23.10 3.47
CA ARG A 291 -5.29 -24.10 3.02
C ARG A 291 -6.01 -25.40 2.77
N PHE A 292 -6.78 -25.81 3.78
CA PHE A 292 -7.34 -27.15 3.85
C PHE A 292 -8.33 -27.50 2.76
N GLU A 293 -9.20 -26.57 2.39
CA GLU A 293 -10.14 -26.83 1.30
C GLU A 293 -9.76 -26.09 0.04
N SER A 294 -9.25 -24.88 0.20
CA SER A 294 -8.88 -24.03 -0.95
C SER A 294 -9.97 -23.72 -1.97
N PRO A 295 -10.92 -22.86 -1.63
CA PRO A 295 -11.98 -22.34 -2.52
C PRO A 295 -11.60 -22.14 -4.00
N VAL A 296 -10.53 -21.39 -4.28
CA VAL A 296 -10.05 -21.24 -5.66
C VAL A 296 -9.01 -22.35 -5.94
N GLN A 297 -9.45 -23.42 -6.60
CA GLN A 297 -8.71 -24.66 -6.76
C GLN A 297 -7.57 -24.69 -7.81
N THR A 298 -7.65 -23.80 -8.80
CA THR A 298 -6.93 -23.98 -10.06
C THR A 298 -6.90 -22.63 -10.70
N PHE A 299 -5.95 -22.39 -11.61
CA PHE A 299 -5.76 -21.10 -12.30
C PHE A 299 -4.62 -21.26 -13.29
N PHE A 300 -4.83 -20.74 -14.49
CA PHE A 300 -3.87 -20.88 -15.54
C PHE A 300 -2.92 -19.70 -15.63
N ARG A 301 -1.82 -19.93 -16.35
CA ARG A 301 -0.90 -18.90 -16.79
C ARG A 301 -0.57 -19.29 -18.23
N THR A 302 0.23 -18.47 -18.91
CA THR A 302 0.71 -18.77 -20.29
C THR A 302 2.20 -18.47 -20.30
N THR A 303 3.03 -19.31 -20.92
CA THR A 303 4.44 -18.92 -21.04
C THR A 303 4.63 -17.74 -22.02
N THR A 304 5.63 -16.90 -21.75
CA THR A 304 6.05 -15.81 -22.66
C THR A 304 7.42 -16.04 -23.31
N ARG A 305 8.14 -17.07 -22.87
CA ARG A 305 9.39 -17.49 -23.51
C ARG A 305 9.46 -18.98 -23.39
N GLU A 306 10.47 -19.60 -23.97
CA GLU A 306 10.75 -20.98 -23.64
C GLU A 306 11.26 -20.99 -22.20
N VAL A 307 10.71 -21.89 -21.40
CA VAL A 307 11.06 -21.94 -20.00
C VAL A 307 11.27 -23.38 -19.61
N GLU A 308 12.24 -23.59 -18.75
CA GLU A 308 12.53 -24.92 -18.26
C GLU A 308 11.75 -25.01 -16.99
N LEU A 309 10.83 -25.95 -16.90
CA LEU A 309 9.95 -26.08 -15.74
C LEU A 309 9.85 -27.52 -15.25
N GLY A 310 10.10 -27.72 -13.95
CA GLY A 310 10.04 -29.04 -13.32
C GLY A 310 10.82 -30.03 -14.15
N GLY A 311 12.02 -29.62 -14.53
CA GLY A 311 12.92 -30.45 -15.31
C GLY A 311 12.66 -30.45 -16.81
N ALA A 312 11.47 -30.02 -17.24
CA ALA A 312 11.13 -30.10 -18.68
C ALA A 312 11.22 -28.77 -19.37
N VAL A 313 11.52 -28.81 -20.65
CA VAL A 313 11.53 -27.58 -21.41
C VAL A 313 10.17 -27.38 -22.08
N ILE A 314 9.51 -26.27 -21.74
CA ILE A 314 8.22 -25.91 -22.32
C ILE A 314 8.37 -24.68 -23.21
N GLY A 315 7.84 -24.77 -24.42
CA GLY A 315 7.92 -23.68 -25.38
C GLY A 315 7.05 -22.51 -24.98
N GLU A 316 7.15 -21.43 -25.73
CA GLU A 316 6.44 -20.24 -25.32
C GLU A 316 5.02 -20.23 -25.82
N GLY A 317 4.20 -19.45 -25.16
CA GLY A 317 2.80 -19.35 -25.50
C GLY A 317 2.07 -20.64 -25.18
N GLU A 318 2.59 -21.35 -24.18
CA GLU A 318 1.96 -22.56 -23.70
C GLU A 318 1.17 -22.26 -22.45
N LYS A 319 -0.03 -22.82 -22.38
CA LYS A 319 -0.82 -22.69 -21.15
C LYS A 319 -0.31 -23.65 -20.06
N VAL A 320 -0.28 -23.20 -18.81
CA VAL A 320 0.05 -24.08 -17.71
C VAL A 320 -1.05 -24.05 -16.66
N LEU A 321 -1.65 -25.19 -16.35
CA LEU A 321 -2.65 -25.18 -15.29
C LEU A 321 -2.00 -25.32 -13.92
N MET A 322 -2.46 -24.52 -12.97
CA MET A 322 -1.90 -24.54 -11.61
C MET A 322 -2.90 -25.10 -10.65
N PHE A 323 -2.56 -26.24 -10.03
CA PHE A 323 -3.42 -26.92 -9.06
C PHE A 323 -3.22 -26.39 -7.66
N LEU A 324 -3.85 -25.25 -7.39
CA LEU A 324 -3.65 -24.51 -6.15
C LEU A 324 -4.01 -25.30 -4.90
N GLY A 325 -5.03 -26.13 -4.98
CA GLY A 325 -5.50 -26.88 -3.81
C GLY A 325 -4.38 -27.86 -3.51
N SER A 326 -4.00 -28.57 -4.58
CA SER A 326 -2.93 -29.54 -4.54
C SER A 326 -1.71 -29.04 -3.82
N ALA A 327 -1.10 -28.01 -4.39
CA ALA A 327 -0.02 -27.31 -3.72
C ALA A 327 -0.23 -27.20 -2.20
N ASN A 328 -1.45 -26.83 -1.77
CA ASN A 328 -1.73 -26.57 -0.35
C ASN A 328 -1.79 -27.84 0.51
N ARG A 329 -1.88 -28.98 -0.15
CA ARG A 329 -1.95 -30.27 0.49
C ARG A 329 -0.74 -31.14 0.13
N ASP A 330 0.29 -30.51 -0.41
CA ASP A 330 1.50 -31.20 -0.87
C ASP A 330 2.29 -31.75 0.33
N PRO A 331 2.49 -33.08 0.37
CA PRO A 331 3.19 -33.61 1.52
C PRO A 331 4.62 -33.06 1.58
N ARG A 332 5.22 -32.85 0.41
CA ARG A 332 6.55 -32.26 0.23
C ARG A 332 6.78 -30.89 0.89
N ARG A 333 5.71 -30.11 1.11
CA ARG A 333 5.80 -28.79 1.78
C ARG A 333 5.08 -28.73 3.14
N TRP A 334 4.09 -29.60 3.33
CA TRP A 334 3.21 -29.49 4.50
C TRP A 334 3.17 -30.78 5.30
N SER A 335 3.53 -30.67 6.58
CA SER A 335 3.42 -31.75 7.55
C SER A 335 1.97 -32.09 7.79
N ASP A 336 1.58 -33.35 7.55
CA ASP A 336 0.17 -33.78 7.67
C ASP A 336 -0.76 -32.86 6.87
N PRO A 337 -0.76 -33.05 5.54
CA PRO A 337 -1.51 -32.16 4.62
C PRO A 337 -3.01 -32.37 4.79
N ASP A 338 -3.39 -33.64 5.03
CA ASP A 338 -4.77 -34.07 5.23
C ASP A 338 -5.40 -33.72 6.57
N LEU A 339 -4.78 -32.87 7.38
CA LEU A 339 -5.37 -32.57 8.67
C LEU A 339 -5.70 -31.10 8.84
N TYR A 340 -6.84 -30.82 9.44
CA TYR A 340 -7.18 -29.47 9.78
C TYR A 340 -6.55 -29.15 11.16
N ASP A 341 -5.38 -28.50 11.17
CA ASP A 341 -4.67 -28.14 12.43
C ASP A 341 -4.56 -26.62 12.56
N ILE A 342 -5.38 -26.03 13.44
CA ILE A 342 -5.56 -24.57 13.42
C ILE A 342 -4.34 -23.74 13.85
N THR A 343 -3.33 -24.42 14.38
CA THR A 343 -2.12 -23.74 14.90
C THR A 343 -0.94 -23.77 13.93
N ARG A 344 -1.15 -24.38 12.76
CA ARG A 344 -0.13 -24.48 11.71
C ARG A 344 0.50 -23.14 11.33
N LYS A 345 1.76 -23.18 10.91
CA LYS A 345 2.32 -22.01 10.25
C LYS A 345 1.80 -22.07 8.83
N THR A 346 0.76 -21.27 8.58
CA THR A 346 0.01 -21.35 7.32
C THR A 346 0.66 -20.48 6.26
N SER A 347 1.55 -19.59 6.73
CA SER A 347 2.31 -18.73 5.84
C SER A 347 2.96 -19.65 4.81
N GLY A 348 2.97 -19.18 3.57
CA GLY A 348 3.37 -20.00 2.43
C GLY A 348 2.23 -20.60 1.62
N HIS A 349 1.04 -20.78 2.23
CA HIS A 349 -0.07 -21.39 1.46
C HIS A 349 -0.46 -20.46 0.32
N VAL A 350 -1.00 -21.06 -0.72
CA VAL A 350 -1.25 -20.34 -1.95
C VAL A 350 -2.75 -20.06 -2.18
N GLY A 351 -3.57 -20.40 -1.19
CA GLY A 351 -5.01 -20.19 -1.23
C GLY A 351 -5.41 -18.79 -1.69
N PHE A 352 -4.62 -17.78 -1.39
CA PHE A 352 -4.88 -16.44 -1.92
C PHE A 352 -3.94 -16.11 -3.05
N GLY A 353 -3.37 -17.15 -3.65
CA GLY A 353 -2.31 -16.98 -4.64
C GLY A 353 -1.00 -16.67 -3.95
N SER A 354 -0.12 -16.00 -4.69
CA SER A 354 1.18 -15.56 -4.17
C SER A 354 1.90 -14.69 -5.18
N GLY A 355 2.66 -13.70 -4.69
CA GLY A 355 3.44 -12.87 -5.57
C GLY A 355 2.63 -11.65 -5.84
N VAL A 356 2.71 -11.12 -7.06
CA VAL A 356 2.13 -9.78 -7.35
C VAL A 356 0.63 -9.66 -7.45
N HIS A 357 -0.02 -10.75 -7.85
CA HIS A 357 -1.51 -10.82 -7.96
C HIS A 357 -2.21 -11.32 -6.70
N MET A 358 -1.42 -11.66 -5.67
CA MET A 358 -1.93 -12.26 -4.45
C MET A 358 -3.13 -11.51 -3.97
N CYS A 359 -4.22 -12.25 -3.78
CA CYS A 359 -5.53 -11.72 -3.42
C CYS A 359 -5.44 -10.39 -2.70
N VAL A 360 -5.84 -9.36 -3.43
CA VAL A 360 -5.82 -7.98 -2.98
C VAL A 360 -6.95 -7.84 -1.94
N GLY A 361 -7.77 -8.86 -1.78
CA GLY A 361 -8.92 -8.79 -0.90
C GLY A 361 -8.81 -9.63 0.35
N GLN A 362 -7.77 -10.47 0.38
CA GLN A 362 -7.44 -11.35 1.53
C GLN A 362 -7.77 -10.78 2.90
N LEU A 363 -7.64 -9.47 3.04
CA LEU A 363 -7.87 -8.85 4.33
C LEU A 363 -9.34 -8.90 4.74
N VAL A 364 -10.21 -8.45 3.83
CA VAL A 364 -11.67 -8.54 3.91
C VAL A 364 -12.09 -9.99 4.17
N ALA A 365 -11.57 -10.89 3.35
CA ALA A 365 -11.84 -12.28 3.55
C ALA A 365 -11.51 -12.64 4.98
N ARG A 366 -10.32 -12.23 5.45
CA ARG A 366 -9.83 -12.62 6.79
C ARG A 366 -10.62 -11.95 7.92
N LEU A 367 -10.81 -10.63 7.82
CA LEU A 367 -11.83 -9.97 8.65
C LEU A 367 -13.11 -10.79 8.77
N GLU A 368 -13.68 -11.21 7.63
CA GLU A 368 -14.90 -12.01 7.65
C GLU A 368 -14.62 -13.29 8.41
N GLY A 369 -13.82 -14.15 7.85
CA GLY A 369 -13.55 -15.43 8.48
C GLY A 369 -13.20 -15.30 9.96
N GLU A 370 -12.45 -14.26 10.34
CA GLU A 370 -12.08 -14.10 11.74
C GLU A 370 -13.26 -13.93 12.71
N VAL A 371 -13.90 -12.76 12.67
CA VAL A 371 -15.12 -12.44 13.42
C VAL A 371 -16.16 -13.55 13.40
N MET A 372 -16.41 -14.15 12.24
CA MET A 372 -17.36 -15.25 12.21
C MET A 372 -16.84 -16.36 13.14
N LEU A 373 -15.69 -16.93 12.82
CA LEU A 373 -15.14 -18.01 13.62
C LEU A 373 -14.96 -17.60 15.10
N SER A 374 -14.56 -16.35 15.31
CA SER A 374 -14.47 -15.71 16.61
C SER A 374 -15.79 -15.81 17.39
N ALA A 375 -16.89 -15.42 16.74
CA ALA A 375 -18.22 -15.54 17.35
C ALA A 375 -18.54 -17.01 17.57
N LEU A 376 -18.49 -17.82 16.53
CA LEU A 376 -18.79 -19.21 16.72
C LEU A 376 -18.10 -19.73 17.98
N ALA A 377 -16.88 -19.26 18.22
CA ALA A 377 -16.04 -19.79 19.30
C ALA A 377 -16.61 -19.50 20.70
N ARG A 378 -16.85 -18.21 20.95
CA ARG A 378 -17.41 -17.73 22.22
C ARG A 378 -18.83 -18.21 22.53
N LYS A 379 -19.57 -18.66 21.50
CA LYS A 379 -21.01 -18.84 21.58
C LYS A 379 -21.49 -20.28 21.35
N VAL A 380 -20.74 -21.06 20.57
CA VAL A 380 -21.21 -22.41 20.22
C VAL A 380 -20.36 -23.47 20.89
N ALA A 381 -20.97 -24.62 21.14
CA ALA A 381 -20.35 -25.68 21.92
C ALA A 381 -20.04 -26.90 21.08
N ALA A 382 -20.98 -27.29 20.23
CA ALA A 382 -20.75 -28.41 19.32
C ALA A 382 -21.36 -28.11 17.94
N ILE A 383 -20.84 -28.81 16.94
CA ILE A 383 -21.33 -28.75 15.58
C ILE A 383 -21.42 -30.19 15.07
N ASP A 384 -22.64 -30.65 14.76
CA ASP A 384 -22.79 -32.01 14.21
C ASP A 384 -23.54 -31.96 12.90
N ILE A 385 -23.07 -32.74 11.94
CA ILE A 385 -23.73 -32.80 10.66
C ILE A 385 -24.79 -33.88 10.70
N ASP A 386 -26.03 -33.47 11.02
CA ASP A 386 -27.23 -34.29 10.78
C ASP A 386 -27.90 -33.87 9.46
N GLY A 387 -27.50 -34.48 8.34
CA GLY A 387 -28.20 -34.32 7.06
C GLY A 387 -27.51 -34.92 5.85
N PRO A 388 -28.13 -34.79 4.65
CA PRO A 388 -27.39 -35.10 3.42
C PRO A 388 -26.58 -33.87 2.98
N VAL A 389 -25.26 -34.00 2.88
CA VAL A 389 -24.40 -32.90 2.48
C VAL A 389 -24.33 -32.87 0.97
N LYS A 390 -24.45 -31.68 0.38
CA LYS A 390 -24.58 -31.53 -1.07
C LYS A 390 -23.57 -30.52 -1.63
N ARG A 391 -22.98 -30.85 -2.79
CA ARG A 391 -21.84 -30.15 -3.34
C ARG A 391 -22.21 -29.24 -4.50
N ARG A 392 -21.86 -27.95 -4.42
CA ARG A 392 -22.01 -27.05 -5.57
C ARG A 392 -20.82 -27.26 -6.46
N PHE A 393 -21.06 -27.79 -7.66
CA PHE A 393 -19.97 -27.98 -8.63
C PHE A 393 -19.67 -26.71 -9.41
N ASN A 394 -18.41 -26.50 -9.76
CA ASN A 394 -17.98 -25.31 -10.52
C ASN A 394 -16.55 -25.41 -11.01
N ASN A 395 -16.35 -25.22 -12.31
CA ASN A 395 -15.03 -25.35 -12.91
C ASN A 395 -13.86 -24.82 -12.09
N THR A 396 -14.05 -23.74 -11.34
CA THR A 396 -12.95 -23.21 -10.56
C THR A 396 -13.12 -23.24 -9.05
N LEU A 397 -14.36 -23.05 -8.56
CA LEU A 397 -14.63 -22.98 -7.11
C LEU A 397 -14.97 -24.31 -6.53
N ARG A 398 -14.44 -24.54 -5.32
CA ARG A 398 -14.63 -25.76 -4.53
C ARG A 398 -15.32 -25.31 -3.28
N GLY A 399 -16.51 -25.88 -3.06
CA GLY A 399 -17.36 -25.49 -1.95
C GLY A 399 -18.60 -26.35 -1.97
N LEU A 400 -19.48 -26.11 -0.99
CA LEU A 400 -20.66 -26.92 -0.76
C LEU A 400 -21.95 -26.16 -1.08
N GLU A 401 -23.02 -26.88 -1.43
CA GLU A 401 -24.32 -26.21 -1.59
C GLU A 401 -25.17 -26.22 -0.34
N SER A 402 -25.34 -27.39 0.26
CA SER A 402 -26.03 -27.53 1.55
C SER A 402 -25.14 -28.24 2.58
N LEU A 403 -25.16 -27.78 3.81
CA LEU A 403 -24.49 -28.47 4.92
C LEU A 403 -25.33 -28.36 6.19
N PRO A 404 -26.26 -29.31 6.37
CA PRO A 404 -27.16 -29.38 7.50
C PRO A 404 -26.44 -29.65 8.82
N VAL A 405 -26.54 -28.72 9.74
CA VAL A 405 -25.91 -28.92 11.04
C VAL A 405 -26.84 -28.70 12.22
N LYS A 406 -26.53 -29.38 13.33
CA LYS A 406 -27.13 -29.08 14.62
C LYS A 406 -26.10 -28.24 15.37
N LEU A 407 -26.57 -27.24 16.10
CA LEU A 407 -25.68 -26.30 16.74
C LEU A 407 -25.91 -26.22 18.23
N THR A 408 -25.06 -26.90 19.00
CA THR A 408 -25.20 -26.87 20.45
C THR A 408 -24.80 -25.53 21.04
N PRO A 409 -25.70 -24.95 21.86
CA PRO A 409 -25.39 -23.65 22.47
C PRO A 409 -24.40 -23.76 23.65
N ALA A 410 -23.44 -22.83 23.72
CA ALA A 410 -22.55 -22.80 24.88
C ALA A 410 -23.32 -22.17 26.02
N THR B 18 -10.53 41.09 -6.29
CA THR B 18 -10.35 40.49 -4.92
C THR B 18 -8.88 40.27 -4.51
N ILE B 19 -8.04 39.73 -5.41
CA ILE B 19 -6.67 39.30 -5.08
C ILE B 19 -5.68 40.45 -4.90
N PRO B 20 -5.05 40.55 -3.71
CA PRO B 20 -4.15 41.63 -3.38
C PRO B 20 -2.67 41.33 -3.68
N HIS B 21 -2.02 42.22 -4.42
CA HIS B 21 -0.62 42.03 -4.79
C HIS B 21 0.31 42.36 -3.63
N LEU B 22 1.29 41.50 -3.36
CA LEU B 22 2.33 41.84 -2.39
C LEU B 22 3.72 41.73 -3.02
N ALA B 23 4.51 42.78 -2.80
CA ALA B 23 5.87 42.80 -3.30
C ALA B 23 6.83 41.96 -2.45
N ILE B 24 6.27 41.23 -1.48
CA ILE B 24 7.03 40.32 -0.64
C ILE B 24 7.71 39.29 -1.51
N ASP B 25 8.84 38.76 -1.00
CA ASP B 25 9.66 37.78 -1.71
C ASP B 25 10.01 36.61 -0.76
N PRO B 26 9.44 35.42 -1.02
CA PRO B 26 9.57 34.25 -0.14
C PRO B 26 10.93 33.61 -0.28
N PHE B 27 11.75 34.18 -1.16
CA PHE B 27 13.04 33.62 -1.52
C PHE B 27 14.23 34.51 -1.14
N SER B 28 13.94 35.55 -0.35
CA SER B 28 14.95 36.48 0.17
C SER B 28 15.59 35.97 1.45
N LEU B 29 16.78 36.44 1.77
CA LEU B 29 17.49 35.97 2.97
C LEU B 29 16.90 36.58 4.23
N ASP B 30 16.32 37.77 4.07
CA ASP B 30 15.55 38.39 5.12
C ASP B 30 14.43 37.43 5.41
N PHE B 31 13.78 36.99 4.35
CA PHE B 31 12.66 36.13 4.53
C PHE B 31 13.03 34.83 5.29
N PHE B 32 14.11 34.17 4.91
CA PHE B 32 14.49 32.91 5.56
C PHE B 32 14.90 33.10 7.03
N ASP B 33 15.40 34.31 7.28
CA ASP B 33 15.94 34.72 8.56
C ASP B 33 14.84 34.68 9.62
N ASP B 34 13.86 35.53 9.43
CA ASP B 34 12.61 35.41 10.15
C ASP B 34 11.49 35.55 9.13
N PRO B 35 10.78 34.44 8.88
CA PRO B 35 9.67 34.40 7.93
C PRO B 35 8.27 34.49 8.59
N TYR B 36 8.21 34.46 9.92
CA TYR B 36 6.93 34.42 10.56
C TYR B 36 6.12 35.70 10.39
N PRO B 37 6.76 36.86 10.59
CA PRO B 37 6.12 38.10 10.26
C PRO B 37 5.38 38.03 8.93
N ASP B 38 6.14 37.91 7.86
CA ASP B 38 5.60 37.95 6.49
C ASP B 38 4.58 36.84 6.23
N GLN B 39 4.85 35.64 6.75
CA GLN B 39 3.85 34.56 6.75
C GLN B 39 2.49 35.01 7.31
N GLN B 40 2.48 35.68 8.46
CA GLN B 40 1.24 36.18 9.04
C GLN B 40 0.65 37.27 8.13
N THR B 41 1.50 38.11 7.55
CA THR B 41 1.00 39.10 6.59
C THR B 41 0.29 38.42 5.44
N LEU B 42 0.85 37.29 5.03
CA LEU B 42 0.41 36.59 3.85
C LEU B 42 -0.95 35.96 4.04
N ARG B 43 -1.15 35.31 5.17
CA ARG B 43 -2.43 34.65 5.42
C ARG B 43 -3.53 35.67 5.55
N ASP B 44 -3.22 36.75 6.26
CA ASP B 44 -4.22 37.67 6.77
C ASP B 44 -4.67 38.52 5.62
N ALA B 45 -3.92 38.46 4.53
CA ALA B 45 -4.21 39.27 3.37
C ALA B 45 -5.40 38.73 2.58
N GLY B 46 -5.63 37.41 2.68
CA GLY B 46 -6.73 36.74 1.96
C GLY B 46 -6.45 35.28 1.59
N PRO B 47 -7.44 34.56 1.05
CA PRO B 47 -7.13 33.18 0.73
C PRO B 47 -6.03 33.08 -0.31
N VAL B 48 -6.10 33.94 -1.34
CA VAL B 48 -5.13 33.90 -2.42
C VAL B 48 -4.55 35.28 -2.63
N VAL B 49 -3.23 35.35 -2.78
CA VAL B 49 -2.50 36.60 -3.05
C VAL B 49 -1.53 36.45 -4.22
N TYR B 50 -1.37 37.51 -5.00
CA TYR B 50 -0.46 37.46 -6.12
C TYR B 50 0.85 38.06 -5.71
N LEU B 51 1.97 37.41 -6.01
CA LEU B 51 3.28 37.93 -5.62
C LEU B 51 4.15 38.44 -6.74
N ASP B 52 4.26 39.75 -6.89
CA ASP B 52 4.82 40.36 -8.08
C ASP B 52 6.30 40.17 -8.27
N LYS B 53 7.00 39.79 -7.23
CA LYS B 53 8.40 39.56 -7.40
C LYS B 53 8.68 38.55 -8.50
N TRP B 54 8.01 37.42 -8.41
CA TRP B 54 8.18 36.22 -9.21
C TRP B 54 6.98 35.98 -10.09
N ASN B 55 5.95 36.80 -9.93
CA ASN B 55 4.75 36.72 -10.75
C ASN B 55 3.97 35.42 -10.53
N VAL B 56 4.12 34.82 -9.36
CA VAL B 56 3.35 33.64 -8.99
C VAL B 56 2.15 34.02 -8.12
N TYR B 57 1.18 33.13 -7.97
CA TYR B 57 0.11 33.34 -6.97
C TYR B 57 0.52 32.64 -5.69
N GLY B 58 -0.15 32.96 -4.59
CA GLY B 58 0.28 32.42 -3.31
C GLY B 58 -0.85 31.95 -2.41
N VAL B 59 -0.65 30.83 -1.74
CA VAL B 59 -1.53 30.50 -0.65
C VAL B 59 -0.78 30.08 0.60
N ALA B 60 -1.12 30.75 1.69
CA ALA B 60 -0.43 30.54 2.95
C ALA B 60 -1.37 30.00 4.01
N ARG B 61 -2.68 30.16 3.79
CA ARG B 61 -3.67 29.69 4.74
C ARG B 61 -3.68 28.16 4.81
N TYR B 62 -3.97 27.56 5.96
CA TYR B 62 -4.04 26.08 6.02
C TYR B 62 -5.13 25.61 5.06
N ALA B 63 -6.30 26.19 5.20
CA ALA B 63 -7.47 25.87 4.39
C ALA B 63 -7.16 25.61 2.96
N GLU B 64 -6.59 26.61 2.30
CA GLU B 64 -6.33 26.51 0.88
C GLU B 64 -5.11 25.66 0.55
N VAL B 65 -4.08 25.73 1.38
CA VAL B 65 -2.91 24.90 1.15
C VAL B 65 -3.43 23.47 1.00
N HIS B 66 -4.11 22.99 2.03
CA HIS B 66 -4.60 21.61 2.03
C HIS B 66 -5.45 21.31 0.78
N ALA B 67 -6.37 22.23 0.47
CA ALA B 67 -7.26 22.07 -0.67
C ALA B 67 -6.50 21.81 -1.97
N VAL B 68 -5.53 22.69 -2.24
CA VAL B 68 -4.65 22.62 -3.43
C VAL B 68 -3.85 21.31 -3.46
N LEU B 69 -3.31 20.90 -2.31
CA LEU B 69 -2.52 19.69 -2.25
C LEU B 69 -3.37 18.51 -2.68
N ASN B 70 -4.65 18.61 -2.36
CA ASN B 70 -5.64 17.57 -2.64
C ASN B 70 -6.49 17.80 -3.86
N ASP B 71 -5.99 18.52 -4.85
CA ASP B 71 -6.67 18.54 -6.11
C ASP B 71 -5.65 18.56 -7.24
N PRO B 72 -4.95 17.43 -7.42
CA PRO B 72 -3.92 17.23 -8.40
C PRO B 72 -4.38 17.51 -9.82
N THR B 73 -5.67 17.30 -10.10
CA THR B 73 -6.24 17.57 -11.41
C THR B 73 -6.07 19.05 -11.84
N THR B 74 -6.54 19.97 -11.01
CA THR B 74 -6.46 21.39 -11.28
C THR B 74 -5.05 21.89 -10.97
N PHE B 75 -4.49 21.39 -9.88
CA PHE B 75 -3.20 21.83 -9.40
C PHE B 75 -2.16 20.79 -9.67
N CYS B 76 -1.63 20.82 -10.86
CA CYS B 76 -0.78 19.73 -11.28
C CYS B 76 0.66 19.89 -10.80
N SER B 77 1.26 18.78 -10.37
CA SER B 77 2.71 18.69 -10.14
C SER B 77 3.49 18.51 -11.44
N SER B 78 2.75 18.29 -12.55
CA SER B 78 3.42 17.79 -13.75
C SER B 78 4.01 18.87 -14.59
N ARG B 79 3.64 20.12 -14.36
CA ARG B 79 4.32 21.21 -15.05
C ARG B 79 5.47 21.73 -14.20
N GLY B 80 5.91 20.87 -13.28
CA GLY B 80 7.03 21.18 -12.42
C GLY B 80 6.53 21.72 -11.11
N VAL B 81 7.27 21.39 -10.04
CA VAL B 81 6.92 21.87 -8.70
C VAL B 81 7.85 22.99 -8.23
N GLY B 82 8.88 23.29 -9.01
CA GLY B 82 9.68 24.48 -8.78
C GLY B 82 9.05 25.67 -9.48
N LEU B 83 9.75 26.80 -9.50
CA LEU B 83 9.26 28.01 -10.16
C LEU B 83 9.01 27.87 -11.69
N SER B 84 9.95 27.21 -12.38
CA SER B 84 9.88 27.09 -13.82
C SER B 84 8.68 26.26 -14.29
N ASP B 85 8.06 26.73 -15.36
CA ASP B 85 6.93 26.07 -16.03
C ASP B 85 7.45 25.14 -17.13
N PHE B 86 7.47 23.86 -16.85
CA PHE B 86 8.05 22.89 -17.77
C PHE B 86 7.33 22.82 -19.12
N LYS B 87 6.05 23.19 -19.17
CA LYS B 87 5.31 23.18 -20.44
C LYS B 87 5.64 24.37 -21.35
N LYS B 88 5.97 25.52 -20.76
CA LYS B 88 6.44 26.68 -21.51
C LYS B 88 7.95 26.71 -21.69
N GLU B 89 8.69 27.08 -20.64
CA GLU B 89 10.15 26.91 -20.57
C GLU B 89 10.61 25.44 -20.80
N LYS B 90 11.88 25.28 -21.16
CA LYS B 90 12.51 23.97 -21.28
C LYS B 90 13.34 23.74 -20.00
N PRO B 91 12.94 22.76 -19.22
CA PRO B 91 13.47 22.47 -17.90
C PRO B 91 14.92 22.81 -17.63
N TRP B 92 15.17 23.42 -16.48
CA TRP B 92 16.52 23.60 -15.93
C TRP B 92 17.28 22.26 -15.89
N ARG B 93 16.56 21.19 -15.58
CA ARG B 93 17.04 19.83 -15.78
C ARG B 93 15.83 18.89 -15.98
N PRO B 94 16.09 17.62 -16.38
CA PRO B 94 15.12 16.52 -16.26
C PRO B 94 14.23 16.56 -14.99
N PRO B 95 12.91 16.44 -15.17
CA PRO B 95 11.95 16.26 -14.08
C PRO B 95 12.17 14.97 -13.31
N SER B 96 11.59 14.87 -12.11
CA SER B 96 11.56 13.59 -11.40
C SER B 96 10.49 12.69 -11.98
N LEU B 97 10.82 11.41 -12.12
CA LEU B 97 9.86 10.45 -12.65
C LEU B 97 8.74 10.18 -11.65
N ILE B 98 8.74 10.90 -10.52
CA ILE B 98 7.71 10.70 -9.50
C ILE B 98 7.13 11.98 -8.95
N LEU B 99 7.98 12.82 -8.38
CA LEU B 99 7.59 14.09 -7.80
C LEU B 99 6.91 14.96 -8.82
N GLU B 100 7.27 14.81 -10.07
CA GLU B 100 6.78 15.73 -11.04
C GLU B 100 6.03 14.99 -12.12
N ALA B 101 5.61 13.78 -11.78
CA ALA B 101 4.69 12.98 -12.58
C ALA B 101 3.34 13.25 -12.00
N ASP B 102 2.31 13.15 -12.83
CA ASP B 102 0.91 13.28 -12.37
C ASP B 102 0.13 11.97 -12.47
N PRO B 103 -0.95 11.85 -11.68
CA PRO B 103 -1.84 10.72 -11.89
C PRO B 103 -2.45 10.86 -13.29
N PRO B 104 -2.48 9.74 -14.08
CA PRO B 104 -2.16 8.36 -13.75
C PRO B 104 -0.68 7.94 -13.87
N ALA B 105 0.13 8.61 -14.69
CA ALA B 105 1.50 8.14 -14.85
C ALA B 105 2.15 7.99 -13.48
N HIS B 106 1.87 8.94 -12.61
CA HIS B 106 2.40 8.95 -11.25
C HIS B 106 2.19 7.62 -10.55
N THR B 107 1.02 7.01 -10.73
CA THR B 107 0.55 5.92 -9.83
C THR B 107 1.56 4.79 -9.60
N ARG B 108 2.10 4.32 -10.72
CA ARG B 108 3.00 3.18 -10.73
C ARG B 108 4.26 3.37 -9.88
N PRO B 109 5.18 4.28 -10.28
CA PRO B 109 6.40 4.49 -9.53
C PRO B 109 6.13 4.75 -8.05
N ARG B 110 5.13 5.56 -7.76
CA ARG B 110 4.76 5.83 -6.39
C ARG B 110 4.45 4.53 -5.66
N ALA B 111 3.74 3.63 -6.33
CA ALA B 111 3.29 2.39 -5.72
C ALA B 111 4.49 1.52 -5.37
N VAL B 112 5.55 1.65 -6.16
CA VAL B 112 6.80 0.89 -6.02
C VAL B 112 7.59 1.32 -4.78
N LEU B 113 7.85 2.63 -4.69
CA LEU B 113 8.46 3.21 -3.51
C LEU B 113 7.61 2.96 -2.30
N SER B 114 6.31 3.16 -2.44
CA SER B 114 5.39 2.96 -1.34
C SER B 114 5.59 1.63 -0.68
N LYS B 115 5.83 0.60 -1.48
CA LYS B 115 6.02 -0.74 -0.95
C LYS B 115 7.38 -0.86 -0.33
N VAL B 116 8.37 -0.44 -1.09
CA VAL B 116 9.75 -0.62 -0.69
C VAL B 116 9.98 -0.10 0.72
N LEU B 117 9.20 0.93 1.05
CA LEU B 117 9.44 1.82 2.15
C LEU B 117 8.29 1.66 3.10
N SER B 118 7.68 0.49 3.03
CA SER B 118 6.43 0.14 3.68
C SER B 118 6.48 0.12 5.20
N PRO B 119 5.30 0.05 5.84
CA PRO B 119 5.26 -0.18 7.27
C PRO B 119 6.19 -1.35 7.64
N ALA B 120 5.80 -2.56 7.22
CA ALA B 120 6.52 -3.79 7.52
C ALA B 120 8.04 -3.64 7.36
N THR B 121 8.46 -2.92 6.32
CA THR B 121 9.87 -2.67 6.09
C THR B 121 10.49 -2.03 7.32
N MET B 122 9.80 -1.05 7.93
CA MET B 122 10.30 -0.37 9.16
C MET B 122 10.52 -1.35 10.33
N LYS B 123 9.46 -2.12 10.65
CA LYS B 123 9.51 -3.24 11.62
C LYS B 123 10.81 -4.05 11.60
N THR B 124 11.43 -4.17 10.42
CA THR B 124 12.71 -4.85 10.36
C THR B 124 13.85 -3.96 10.82
N ILE B 125 13.98 -2.78 10.23
CA ILE B 125 15.18 -1.97 10.41
C ILE B 125 15.30 -1.37 11.80
N ARG B 126 14.17 -0.95 12.33
CA ARG B 126 14.08 -0.29 13.61
C ARG B 126 15.30 -0.37 14.51
N ASP B 127 15.61 -1.58 14.94
CA ASP B 127 16.61 -1.79 15.98
C ASP B 127 18.01 -1.35 15.56
N GLY B 128 18.36 -1.64 14.30
CA GLY B 128 19.63 -1.18 13.74
C GLY B 128 19.76 0.34 13.78
N PHE B 129 18.60 1.01 13.68
CA PHE B 129 18.48 2.47 13.79
C PHE B 129 18.47 2.88 15.26
N ALA B 130 17.37 2.55 15.91
CA ALA B 130 17.07 2.86 17.32
C ALA B 130 18.06 2.58 18.42
N ALA B 131 18.34 1.28 18.58
CA ALA B 131 19.34 0.77 19.48
C ALA B 131 20.75 0.87 18.87
N ALA B 132 20.89 1.66 17.80
CA ALA B 132 22.21 2.05 17.29
C ALA B 132 22.34 3.58 17.10
N ALA B 133 21.34 4.32 17.62
CA ALA B 133 21.36 5.79 17.73
C ALA B 133 22.03 6.24 19.04
N ASP B 134 21.70 5.53 20.13
CA ASP B 134 22.35 5.66 21.45
C ASP B 134 23.87 5.57 21.33
N ALA B 135 24.32 4.96 20.24
CA ALA B 135 25.70 4.99 19.81
C ALA B 135 26.21 6.43 19.56
N LYS B 136 25.34 7.29 19.01
CA LYS B 136 25.74 8.67 18.71
C LYS B 136 25.55 9.61 19.90
N VAL B 137 24.53 9.34 20.73
CA VAL B 137 24.34 10.01 22.03
C VAL B 137 25.65 10.04 22.84
N ASP B 138 26.21 8.85 23.06
CA ASP B 138 27.30 8.61 24.00
C ASP B 138 28.64 9.05 23.44
N GLU B 139 28.85 8.84 22.14
CA GLU B 139 30.08 9.30 21.46
C GLU B 139 30.27 10.84 21.57
N LEU B 140 29.17 11.59 21.42
CA LEU B 140 29.18 13.05 21.55
C LEU B 140 29.31 13.47 23.01
N LEU B 141 28.37 13.01 23.85
CA LEU B 141 28.37 13.16 25.33
C LEU B 141 29.74 13.18 26.02
N GLN B 142 30.61 12.27 25.58
CA GLN B 142 31.98 12.13 26.09
C GLN B 142 32.82 13.36 25.76
N ARG B 143 32.28 14.21 24.88
CA ARG B 143 32.86 15.51 24.56
C ARG B 143 32.00 16.73 25.00
N GLY B 144 30.66 16.56 25.06
CA GLY B 144 29.72 17.59 25.53
C GLY B 144 29.55 18.83 24.64
N CYS B 145 30.68 19.37 24.17
CA CYS B 145 30.77 20.56 23.30
C CYS B 145 30.88 20.15 21.82
N ILE B 146 29.75 20.31 21.12
CA ILE B 146 29.50 19.77 19.76
C ILE B 146 29.16 20.87 18.75
N ASP B 147 28.37 20.48 17.76
CA ASP B 147 27.77 21.40 16.82
C ASP B 147 26.32 21.09 16.63
N ALA B 148 25.87 19.99 17.23
CA ALA B 148 24.45 19.67 17.30
C ALA B 148 23.79 19.49 15.94
N ILE B 149 24.21 20.29 14.99
CA ILE B 149 23.75 20.07 13.66
C ILE B 149 24.70 19.04 13.12
N ALA B 150 25.92 19.46 12.83
CA ALA B 150 26.90 18.63 12.14
C ALA B 150 27.41 17.43 12.94
N ASP B 151 27.21 17.44 14.25
CA ASP B 151 27.64 16.32 15.06
C ASP B 151 26.46 15.44 15.49
N LEU B 152 25.25 15.78 15.06
CA LEU B 152 24.10 14.96 15.41
C LEU B 152 23.18 14.65 14.21
N ALA B 153 22.43 15.67 13.78
CA ALA B 153 21.44 15.52 12.69
C ALA B 153 22.07 15.37 11.31
N GLU B 154 23.40 15.52 11.27
CA GLU B 154 24.22 15.27 10.08
C GLU B 154 25.17 14.10 10.31
N ALA B 155 24.88 13.27 11.31
CA ALA B 155 25.81 12.21 11.68
C ALA B 155 25.09 10.90 12.04
N TYR B 156 23.88 11.01 12.55
CA TYR B 156 23.03 9.83 12.69
C TYR B 156 22.48 9.40 11.33
N PRO B 157 22.07 10.38 10.49
CA PRO B 157 21.51 10.06 9.18
C PRO B 157 22.61 9.55 8.26
N LEU B 158 23.59 10.41 7.97
CA LEU B 158 24.77 10.08 7.21
C LEU B 158 25.29 8.67 7.43
N SER B 159 25.05 8.12 8.62
CA SER B 159 25.47 6.74 8.91
C SER B 159 24.37 5.84 9.49
N VAL B 160 23.12 6.12 9.19
CA VAL B 160 22.07 5.15 9.44
C VAL B 160 21.04 5.13 8.33
N PHE B 161 21.00 6.20 7.56
CA PHE B 161 20.11 6.24 6.39
C PHE B 161 20.67 5.46 5.20
N PRO B 162 21.90 5.80 4.75
CA PRO B 162 22.40 5.05 3.60
C PRO B 162 22.84 3.61 3.94
N ASP B 163 22.54 3.15 5.16
CA ASP B 163 22.72 1.73 5.52
C ASP B 163 21.55 0.92 4.97
N ALA B 164 20.34 1.36 5.29
CA ALA B 164 19.17 0.70 4.75
C ALA B 164 19.01 1.03 3.26
N MET B 165 19.36 2.25 2.85
CA MET B 165 19.46 2.54 1.42
C MET B 165 20.40 1.49 0.85
N GLY B 166 21.54 1.34 1.52
CA GLY B 166 22.55 0.33 1.19
C GLY B 166 23.64 0.88 0.29
N LEU B 167 24.61 1.57 0.88
CA LEU B 167 25.72 2.14 0.10
C LEU B 167 27.13 2.05 0.74
N LYS B 168 28.15 2.15 -0.11
CA LYS B 168 29.53 2.19 0.34
C LYS B 168 29.88 3.50 1.06
N GLN B 169 30.82 3.40 1.99
CA GLN B 169 31.25 4.52 2.81
C GLN B 169 31.97 5.58 1.96
N GLU B 170 32.70 5.12 0.95
CA GLU B 170 33.56 5.97 0.13
C GLU B 170 32.77 6.84 -0.85
N GLY B 171 32.60 8.10 -0.48
CA GLY B 171 31.76 9.06 -1.21
C GLY B 171 30.59 9.62 -0.40
N ARG B 172 30.38 9.08 0.81
CA ARG B 172 29.34 9.56 1.75
C ARG B 172 29.50 11.05 2.10
N GLU B 173 30.50 11.69 1.49
CA GLU B 173 30.60 13.15 1.47
C GLU B 173 29.53 13.68 0.53
N HIS B 174 29.71 13.42 -0.78
CA HIS B 174 28.94 14.04 -1.89
C HIS B 174 27.41 14.10 -1.68
N LEU B 175 26.92 13.24 -0.78
CA LEU B 175 25.48 13.08 -0.50
C LEU B 175 24.76 14.37 -0.15
N LEU B 176 25.08 14.92 1.03
CA LEU B 176 24.53 16.21 1.49
C LEU B 176 24.64 17.39 0.48
N PRO B 177 25.84 17.61 -0.11
CA PRO B 177 26.02 18.63 -1.16
C PRO B 177 25.08 18.43 -2.34
N TYR B 178 24.84 17.17 -2.73
CA TYR B 178 23.93 16.87 -3.85
C TYR B 178 22.47 17.24 -3.54
N ALA B 179 21.94 16.67 -2.46
CA ALA B 179 20.56 16.91 -2.01
C ALA B 179 20.22 18.39 -1.94
N GLY B 180 21.16 19.19 -1.45
CA GLY B 180 21.01 20.63 -1.32
C GLY B 180 20.66 21.29 -2.64
N LEU B 181 21.28 20.81 -3.72
CA LEU B 181 21.06 21.32 -5.06
C LEU B 181 19.60 21.19 -5.47
N VAL B 182 19.03 20.01 -5.26
CA VAL B 182 17.69 19.72 -5.72
C VAL B 182 16.68 20.70 -5.11
N PHE B 183 16.67 20.78 -3.78
CA PHE B 183 15.76 21.69 -3.11
C PHE B 183 15.98 23.15 -3.48
N ASN B 184 17.23 23.53 -3.71
CA ASN B 184 17.59 24.86 -4.17
C ASN B 184 17.17 25.14 -5.58
N ALA B 185 17.02 24.07 -6.36
CA ALA B 185 16.75 24.24 -7.76
C ALA B 185 15.32 24.73 -7.96
N PHE B 186 14.40 24.25 -7.13
CA PHE B 186 12.99 24.62 -7.22
C PHE B 186 12.74 26.10 -7.19
N GLY B 187 13.64 26.84 -6.54
CA GLY B 187 13.53 28.29 -6.32
C GLY B 187 13.78 29.13 -7.55
N PRO B 188 13.97 30.45 -7.35
CA PRO B 188 14.13 31.33 -8.50
C PRO B 188 15.55 31.35 -9.09
N PRO B 189 15.71 31.91 -10.33
CA PRO B 189 17.04 32.07 -10.91
C PRO B 189 17.83 33.10 -10.09
N ASN B 190 18.68 32.61 -9.19
CA ASN B 190 19.35 33.52 -8.27
C ASN B 190 20.51 32.97 -7.46
N GLU B 191 20.93 33.81 -6.52
CA GLU B 191 22.04 33.59 -5.61
C GLU B 191 22.31 32.17 -5.19
N LEU B 192 21.35 31.56 -4.49
CA LEU B 192 21.54 30.24 -3.89
C LEU B 192 21.39 29.19 -4.94
N ARG B 193 20.49 29.46 -5.87
CA ARG B 193 20.19 28.54 -6.94
C ARG B 193 21.44 28.33 -7.75
N GLN B 194 21.89 29.39 -8.42
CA GLN B 194 23.07 29.39 -9.29
C GLN B 194 24.38 28.92 -8.61
N THR B 195 24.37 28.86 -7.28
CA THR B 195 25.53 28.43 -6.47
C THR B 195 25.53 26.93 -6.14
N ALA B 196 24.35 26.38 -5.81
CA ALA B 196 24.25 24.94 -5.60
C ALA B 196 24.32 24.20 -6.95
N ILE B 197 23.76 24.85 -7.99
CA ILE B 197 23.79 24.42 -9.41
C ILE B 197 25.21 24.09 -9.88
N GLU B 198 26.13 25.05 -9.67
CA GLU B 198 27.52 24.86 -10.03
C GLU B 198 28.36 24.68 -8.78
N ARG B 199 27.94 23.68 -8.02
CA ARG B 199 28.75 22.93 -7.07
C ARG B 199 28.12 21.55 -7.01
N SER B 200 27.76 21.04 -8.21
CA SER B 200 26.90 19.85 -8.38
C SER B 200 27.58 18.65 -9.05
N ALA B 201 28.07 18.88 -10.27
CA ALA B 201 28.69 17.81 -11.11
C ALA B 201 29.75 16.94 -10.42
N PRO B 202 30.52 17.49 -9.44
CA PRO B 202 31.39 16.61 -8.63
C PRO B 202 30.64 15.73 -7.62
N HIS B 203 29.33 15.63 -7.78
CA HIS B 203 28.50 14.77 -6.94
C HIS B 203 27.61 13.85 -7.78
N GLN B 204 26.88 14.44 -8.74
CA GLN B 204 26.06 13.70 -9.72
C GLN B 204 26.74 12.42 -10.17
N ALA B 205 27.96 12.59 -10.70
CA ALA B 205 28.75 11.46 -11.16
C ALA B 205 28.79 10.35 -10.12
N TYR B 206 29.05 10.71 -8.88
CA TYR B 206 29.13 9.72 -7.81
C TYR B 206 27.75 9.23 -7.41
N VAL B 207 26.80 10.16 -7.41
CA VAL B 207 25.40 9.85 -7.12
C VAL B 207 24.88 8.79 -8.12
N ASN B 208 24.80 9.17 -9.39
CA ASN B 208 24.41 8.24 -10.45
C ASN B 208 25.08 6.86 -10.36
N GLU B 209 26.40 6.86 -10.19
CA GLU B 209 27.17 5.61 -10.09
C GLU B 209 26.70 4.76 -8.90
N GLN B 210 26.31 5.43 -7.83
CA GLN B 210 25.97 4.70 -6.63
C GLN B 210 24.59 4.05 -6.66
N CYS B 211 23.73 4.48 -7.57
CA CYS B 211 22.38 3.89 -7.70
C CYS B 211 22.34 2.59 -8.48
N GLN B 212 23.22 2.48 -9.50
CA GLN B 212 23.27 1.35 -10.45
C GLN B 212 23.31 -0.01 -9.77
N ARG B 213 22.50 -0.94 -10.28
CA ARG B 213 22.09 -2.13 -9.50
C ARG B 213 23.21 -2.94 -8.80
N PRO B 214 24.38 -3.10 -9.48
CA PRO B 214 25.52 -3.84 -8.86
C PRO B 214 26.04 -3.29 -7.51
N ASN B 215 25.70 -2.03 -7.19
CA ASN B 215 26.29 -1.25 -6.07
C ASN B 215 25.38 -0.96 -4.87
N LEU B 216 24.54 -1.91 -4.51
CA LEU B 216 23.61 -1.66 -3.45
C LEU B 216 23.40 -2.87 -2.59
N ALA B 217 24.00 -2.87 -1.42
CA ALA B 217 23.81 -3.95 -0.49
C ALA B 217 22.52 -4.65 -0.76
N PRO B 218 22.53 -5.96 -0.69
CA PRO B 218 21.33 -6.76 -0.84
C PRO B 218 20.40 -6.71 0.34
N GLY B 219 19.27 -6.06 0.17
CA GLY B 219 18.26 -6.11 1.19
C GLY B 219 17.78 -4.74 1.61
N GLY B 220 18.39 -3.73 1.02
CA GLY B 220 18.09 -2.37 1.35
C GLY B 220 16.80 -1.90 0.75
N PHE B 221 17.00 -1.02 -0.22
CA PHE B 221 15.96 -0.40 -0.96
C PHE B 221 16.47 -0.59 -2.36
N GLY B 222 17.40 0.26 -2.74
CA GLY B 222 18.01 0.15 -4.03
C GLY B 222 17.81 -1.25 -4.48
N ALA B 223 18.16 -2.19 -3.62
CA ALA B 223 17.90 -3.56 -3.89
C ALA B 223 16.48 -3.89 -4.10
N CYS B 224 15.70 -3.79 -3.06
CA CYS B 224 14.32 -4.15 -3.21
C CYS B 224 13.81 -3.21 -4.27
N ILE B 225 14.42 -2.06 -4.43
CA ILE B 225 13.90 -1.13 -5.45
C ILE B 225 14.22 -1.58 -6.86
N HIS B 226 15.28 -2.36 -7.00
CA HIS B 226 15.67 -2.85 -8.30
C HIS B 226 14.94 -4.16 -8.59
N ALA B 227 14.61 -4.91 -7.53
CA ALA B 227 13.91 -6.19 -7.67
C ALA B 227 12.50 -5.95 -8.17
N PHE B 228 12.25 -4.73 -8.62
CA PHE B 228 10.98 -4.37 -9.20
C PHE B 228 11.10 -4.35 -10.70
N THR B 229 12.35 -4.39 -11.18
CA THR B 229 12.60 -4.52 -12.62
C THR B 229 12.43 -5.98 -13.05
N ASP B 230 12.73 -6.93 -12.16
CA ASP B 230 12.50 -8.39 -12.40
C ASP B 230 11.07 -8.73 -12.88
N THR B 231 10.08 -8.27 -12.10
CA THR B 231 8.66 -8.46 -12.42
C THR B 231 8.12 -7.45 -13.43
N GLY B 232 8.93 -6.44 -13.75
CA GLY B 232 8.55 -5.46 -14.76
C GLY B 232 7.62 -4.32 -14.33
N GLU B 233 7.52 -4.09 -13.02
CA GLU B 233 6.82 -2.91 -12.55
C GLU B 233 7.52 -1.64 -13.01
N ILE B 234 8.80 -1.74 -13.40
CA ILE B 234 9.62 -0.61 -13.88
C ILE B 234 10.72 -1.01 -14.92
N THR B 235 11.10 -0.07 -15.78
CA THR B 235 12.21 -0.30 -16.71
C THR B 235 13.57 -0.22 -15.98
N PRO B 236 14.61 -0.93 -16.48
CA PRO B 236 16.00 -0.72 -16.01
C PRO B 236 16.45 0.74 -16.11
N ASP B 237 15.92 1.49 -17.05
CA ASP B 237 16.19 2.91 -17.10
C ASP B 237 15.52 3.67 -15.94
N GLU B 238 14.37 3.15 -15.47
CA GLU B 238 13.62 3.76 -14.37
C GLU B 238 14.21 3.51 -12.98
N ALA B 239 14.67 2.28 -12.70
CA ALA B 239 15.14 1.95 -11.34
C ALA B 239 16.22 2.84 -10.69
N PRO B 240 17.18 3.37 -11.50
CA PRO B 240 18.18 4.31 -10.92
C PRO B 240 17.55 5.63 -10.45
N LEU B 241 16.91 6.34 -11.38
CA LEU B 241 16.20 7.59 -11.11
C LEU B 241 15.37 7.52 -9.84
N LEU B 242 14.89 6.32 -9.55
CA LEU B 242 14.03 6.10 -8.41
C LEU B 242 14.78 5.90 -7.10
N VAL B 243 15.86 5.13 -7.12
CA VAL B 243 16.76 5.02 -5.97
C VAL B 243 17.33 6.43 -5.61
N ARG B 244 17.60 7.22 -6.65
CA ARG B 244 18.19 8.55 -6.54
C ARG B 244 17.24 9.55 -5.90
N SER B 245 15.98 9.56 -6.36
CA SER B 245 14.95 10.42 -5.80
C SER B 245 14.93 10.36 -4.28
N LEU B 246 15.16 9.15 -3.74
CA LEU B 246 15.27 8.93 -2.30
C LEU B 246 16.47 9.62 -1.63
N LEU B 247 17.60 9.65 -2.33
CA LEU B 247 18.76 10.41 -1.86
C LEU B 247 18.46 11.89 -1.87
N SER B 248 17.99 12.37 -3.02
CA SER B 248 17.67 13.79 -3.19
C SER B 248 16.69 14.35 -2.15
N ALA B 249 15.85 13.47 -1.58
CA ALA B 249 14.64 13.88 -0.86
C ALA B 249 14.52 13.47 0.61
N GLY B 250 15.23 12.43 1.03
CA GLY B 250 15.12 11.97 2.40
C GLY B 250 16.27 12.28 3.33
N LEU B 251 17.16 13.17 2.89
CA LEU B 251 18.41 13.40 3.59
C LEU B 251 18.48 14.82 4.15
N ASP B 252 18.87 15.77 3.31
CA ASP B 252 18.70 17.16 3.64
C ASP B 252 17.48 17.56 4.47
N THR B 253 16.33 16.98 4.12
CA THR B 253 15.09 17.09 4.91
C THR B 253 15.26 16.50 6.29
N THR B 254 15.50 15.21 6.35
CA THR B 254 15.66 14.52 7.61
C THR B 254 16.75 15.16 8.49
N VAL B 255 17.80 15.68 7.89
CA VAL B 255 18.83 16.43 8.63
C VAL B 255 18.09 17.56 9.32
N ASN B 256 17.60 18.52 8.53
CA ASN B 256 16.94 19.73 9.04
C ASN B 256 15.81 19.44 10.02
N GLY B 257 15.13 18.32 9.82
CA GLY B 257 13.98 17.96 10.61
C GLY B 257 14.38 17.46 11.96
N ILE B 258 15.65 17.12 12.13
CA ILE B 258 16.10 16.66 13.43
C ILE B 258 16.77 17.79 14.21
N GLY B 259 17.66 18.50 13.53
CA GLY B 259 18.17 19.79 14.00
C GLY B 259 17.05 20.76 14.34
N ALA B 260 15.85 20.52 13.83
CA ALA B 260 14.71 21.28 14.23
C ALA B 260 14.22 20.70 15.55
N ALA B 261 14.14 19.37 15.65
CA ALA B 261 13.78 18.75 16.93
C ALA B 261 14.74 19.12 18.08
N VAL B 262 16.00 19.37 17.75
CA VAL B 262 16.98 19.83 18.73
C VAL B 262 17.05 21.33 19.10
N TYR B 263 17.10 22.20 18.08
CA TYR B 263 16.94 23.67 18.20
C TYR B 263 15.54 24.04 18.62
N CYS B 264 14.83 23.06 19.13
CA CYS B 264 13.56 23.33 19.68
C CYS B 264 13.57 22.86 21.09
N LEU B 265 14.07 21.65 21.32
CA LEU B 265 14.04 21.06 22.67
C LEU B 265 14.98 21.73 23.70
N ALA B 266 16.03 22.37 23.20
CA ALA B 266 16.84 23.27 24.00
C ALA B 266 16.14 24.62 24.14
N ARG B 267 14.81 24.64 24.02
CA ARG B 267 13.98 25.87 24.08
C ARG B 267 12.54 25.62 24.54
N PHE B 268 12.25 24.42 25.01
CA PHE B 268 10.88 24.03 25.42
C PHE B 268 10.90 22.93 26.50
N PRO B 269 11.77 23.10 27.52
CA PRO B 269 11.92 22.05 28.52
C PRO B 269 10.62 21.62 29.20
N GLY B 270 9.51 22.33 28.97
CA GLY B 270 8.23 22.00 29.59
C GLY B 270 7.72 20.62 29.23
N GLU B 271 7.62 20.37 27.93
CA GLU B 271 7.14 19.10 27.38
C GLU B 271 8.21 18.01 27.52
N LEU B 272 9.46 18.38 27.21
CA LEU B 272 10.64 17.51 27.32
C LEU B 272 10.64 16.60 28.55
N GLN B 273 10.01 17.09 29.62
CA GLN B 273 9.91 16.38 30.90
C GLN B 273 8.70 15.44 30.99
N ARG B 274 7.58 15.81 30.35
CA ARG B 274 6.37 14.96 30.28
C ARG B 274 6.68 13.69 29.51
N LEU B 275 7.58 13.81 28.53
CA LEU B 275 8.00 12.71 27.69
C LEU B 275 8.97 11.82 28.46
N ARG B 276 9.93 12.46 29.14
CA ARG B 276 10.82 11.77 30.05
C ARG B 276 9.94 10.97 30.99
N SER B 277 8.80 11.55 31.35
CA SER B 277 7.75 10.84 32.08
C SER B 277 7.05 9.71 31.24
N ASP B 278 6.43 10.07 30.12
CA ASP B 278 5.66 9.10 29.30
C ASP B 278 6.12 9.01 27.84
N PRO B 279 7.23 8.29 27.60
CA PRO B 279 7.89 8.33 26.30
C PRO B 279 7.13 7.64 25.17
N THR B 280 6.04 6.95 25.50
CA THR B 280 5.12 6.37 24.49
C THR B 280 4.51 7.47 23.63
N LEU B 281 5.18 8.60 23.68
CA LEU B 281 4.90 9.72 22.81
C LEU B 281 5.96 9.84 21.74
N ALA B 282 7.15 10.22 22.15
CA ALA B 282 8.31 10.33 21.26
C ALA B 282 7.95 10.70 19.83
N ARG B 283 7.41 9.75 19.09
CA ARG B 283 6.73 9.97 17.84
C ARG B 283 5.88 11.18 17.55
N ASN B 284 4.77 11.29 18.28
CA ASN B 284 3.89 12.43 18.00
C ASN B 284 4.73 13.64 18.44
N ALA B 285 5.70 13.41 19.33
CA ALA B 285 6.56 14.47 19.81
C ALA B 285 7.54 14.98 18.75
N PHE B 286 7.96 14.11 17.83
CA PHE B 286 8.85 14.55 16.75
C PHE B 286 8.00 15.01 15.56
N GLU B 287 6.83 14.43 15.44
CA GLU B 287 5.87 14.87 14.45
C GLU B 287 5.67 16.38 14.57
N GLU B 288 5.23 16.84 15.76
CA GLU B 288 5.08 18.28 16.07
C GLU B 288 6.30 19.10 15.66
N ALA B 289 7.49 18.63 16.02
CA ALA B 289 8.72 19.26 15.62
C ALA B 289 8.78 19.51 14.12
N VAL B 290 7.87 18.88 13.38
CA VAL B 290 7.83 19.09 11.92
C VAL B 290 6.77 20.11 11.49
N ARG B 291 5.62 20.09 12.17
CA ARG B 291 4.67 21.20 12.10
C ARG B 291 5.40 22.50 12.41
N PHE B 292 6.09 22.53 13.55
CA PHE B 292 6.65 23.75 14.15
C PHE B 292 7.68 24.44 13.26
N GLU B 293 8.71 23.70 12.87
CA GLU B 293 9.78 24.25 12.04
C GLU B 293 9.58 23.99 10.55
N SER B 294 8.98 22.86 10.20
CA SER B 294 8.67 22.54 8.80
C SER B 294 9.69 22.39 7.68
N PRO B 295 10.66 21.47 7.87
CA PRO B 295 11.87 21.36 7.05
C PRO B 295 11.66 21.76 5.58
N VAL B 296 10.53 21.41 4.97
CA VAL B 296 10.20 21.94 3.65
C VAL B 296 9.27 23.14 3.78
N GLN B 297 9.63 24.27 3.19
CA GLN B 297 8.81 25.44 3.37
C GLN B 297 7.71 25.49 2.32
N THR B 298 8.08 25.24 1.08
CA THR B 298 7.19 25.61 -0.02
C THR B 298 7.36 24.71 -1.23
N PHE B 299 6.34 24.72 -2.10
CA PHE B 299 6.34 24.01 -3.38
C PHE B 299 5.43 24.80 -4.30
N PHE B 300 5.46 24.52 -5.60
CA PHE B 300 4.41 25.04 -6.48
C PHE B 300 3.55 23.94 -7.06
N ARG B 301 2.44 24.39 -7.60
CA ARG B 301 1.61 23.57 -8.42
C ARG B 301 1.38 24.47 -9.60
N THR B 302 0.89 23.90 -10.68
CA THR B 302 0.48 24.73 -11.81
C THR B 302 -0.99 24.51 -12.05
N THR B 303 -1.73 25.58 -12.37
CA THR B 303 -3.16 25.44 -12.60
C THR B 303 -3.36 25.00 -14.02
N THR B 304 -4.20 23.98 -14.19
CA THR B 304 -4.55 23.49 -15.52
C THR B 304 -5.95 23.90 -16.00
N ARG B 305 -6.44 25.01 -15.46
CA ARG B 305 -7.69 25.61 -15.85
C ARG B 305 -7.83 26.98 -15.15
N GLU B 306 -9.03 27.52 -15.14
CA GLU B 306 -9.45 28.60 -14.24
C GLU B 306 -9.92 27.89 -13.01
N VAL B 307 -9.90 28.54 -11.85
CA VAL B 307 -10.31 27.89 -10.61
C VAL B 307 -10.74 28.87 -9.52
N GLU B 308 -11.93 28.68 -8.97
CA GLU B 308 -12.29 29.45 -7.77
C GLU B 308 -11.58 28.82 -6.57
N LEU B 309 -10.58 29.53 -6.05
CA LEU B 309 -9.91 29.10 -4.82
C LEU B 309 -10.16 30.07 -3.65
N GLY B 310 -10.73 29.50 -2.58
CA GLY B 310 -11.15 30.30 -1.42
C GLY B 310 -12.15 31.44 -1.67
N GLY B 311 -12.47 31.73 -2.92
CA GLY B 311 -13.30 32.85 -3.25
C GLY B 311 -12.61 33.63 -4.34
N ALA B 312 -11.34 33.33 -4.57
CA ALA B 312 -10.57 33.96 -5.64
C ALA B 312 -10.63 33.11 -6.92
N VAL B 313 -10.14 33.68 -8.01
CA VAL B 313 -10.19 33.05 -9.35
C VAL B 313 -8.79 33.13 -10.00
N ILE B 314 -8.09 32.00 -10.12
CA ILE B 314 -6.76 31.97 -10.75
C ILE B 314 -6.95 31.45 -12.16
N GLY B 315 -6.42 32.14 -13.17
CA GLY B 315 -6.46 31.65 -14.57
C GLY B 315 -5.64 30.40 -14.87
N GLU B 316 -5.86 29.77 -16.04
CA GLU B 316 -5.02 28.63 -16.48
C GLU B 316 -3.54 28.96 -16.40
N GLY B 317 -2.71 27.96 -16.12
CA GLY B 317 -1.29 28.04 -16.44
C GLY B 317 -0.48 29.04 -15.63
N GLU B 318 -0.88 29.19 -14.37
CA GLU B 318 -0.17 30.04 -13.41
C GLU B 318 0.33 29.15 -12.31
N LYS B 319 1.58 29.36 -11.89
CA LYS B 319 2.12 28.64 -10.76
C LYS B 319 1.46 29.12 -9.48
N VAL B 320 1.12 28.17 -8.61
CA VAL B 320 0.60 28.54 -7.31
C VAL B 320 1.61 28.14 -6.27
N LEU B 321 2.15 29.12 -5.57
CA LEU B 321 3.15 28.81 -4.58
C LEU B 321 2.49 28.52 -3.23
N MET B 322 2.72 27.32 -2.71
CA MET B 322 2.11 26.92 -1.44
C MET B 322 3.05 27.08 -0.26
N PHE B 323 2.57 27.69 0.82
CA PHE B 323 3.38 27.86 2.03
C PHE B 323 3.10 26.84 3.16
N LEU B 324 3.80 25.71 3.16
CA LEU B 324 3.55 24.63 4.14
C LEU B 324 3.89 25.01 5.58
N GLY B 325 4.80 25.97 5.73
CA GLY B 325 5.22 26.45 7.03
C GLY B 325 4.05 27.21 7.60
N SER B 326 3.68 28.27 6.88
CA SER B 326 2.50 29.06 7.15
C SER B 326 1.22 28.25 7.47
N ALA B 327 0.90 27.25 6.68
CA ALA B 327 -0.25 26.42 6.97
C ALA B 327 -0.01 25.65 8.24
N ASN B 328 1.21 25.24 8.48
CA ASN B 328 1.44 24.50 9.68
C ASN B 328 1.29 25.35 10.93
N ARG B 329 1.25 26.67 10.77
CA ARG B 329 1.27 27.58 11.92
C ARG B 329 0.05 28.47 11.92
N ASP B 330 -0.87 28.20 11.01
CA ASP B 330 -2.06 29.01 10.83
C ASP B 330 -2.88 28.90 12.10
N PRO B 331 -3.18 30.04 12.76
CA PRO B 331 -4.11 29.99 13.90
C PRO B 331 -5.55 29.55 13.51
N ARG B 332 -6.06 29.94 12.33
CA ARG B 332 -7.38 29.44 11.87
C ARG B 332 -7.56 27.94 12.08
N ARG B 333 -6.46 27.19 12.25
CA ARG B 333 -6.49 25.72 12.30
C ARG B 333 -5.86 25.15 13.57
N TRP B 334 -4.81 25.80 14.07
CA TRP B 334 -4.01 25.27 15.19
C TRP B 334 -4.20 26.11 16.41
N SER B 335 -4.05 25.53 17.60
CA SER B 335 -4.21 26.33 18.79
C SER B 335 -2.88 26.70 19.35
N ASP B 336 -2.73 27.96 19.72
CA ASP B 336 -1.42 28.51 20.11
C ASP B 336 -0.41 27.96 19.10
N PRO B 337 -0.65 28.20 17.81
CA PRO B 337 0.13 27.55 16.81
C PRO B 337 1.62 27.77 17.00
N ASP B 338 1.99 28.86 17.64
CA ASP B 338 3.39 29.22 17.73
C ASP B 338 4.06 28.56 18.92
N LEU B 339 3.38 27.56 19.45
CA LEU B 339 3.86 26.82 20.61
C LEU B 339 4.05 25.35 20.30
N TYR B 340 5.16 24.83 20.81
CA TYR B 340 5.65 23.49 20.52
C TYR B 340 5.11 22.51 21.56
N ASP B 341 3.90 22.00 21.35
CA ASP B 341 3.21 21.15 22.32
C ASP B 341 3.23 19.69 21.90
N ILE B 342 4.08 18.90 22.55
CA ILE B 342 4.23 17.50 22.17
C ILE B 342 3.06 16.63 22.62
N THR B 343 2.07 17.23 23.27
CA THR B 343 0.92 16.44 23.66
C THR B 343 -0.14 16.46 22.57
N ARG B 344 0.16 17.18 21.48
CA ARG B 344 -0.84 17.73 20.53
C ARG B 344 -1.41 16.75 19.48
N LYS B 345 -2.71 16.84 19.17
CA LYS B 345 -3.27 16.08 18.03
C LYS B 345 -2.72 16.61 16.69
N THR B 346 -1.55 16.09 16.30
CA THR B 346 -0.74 16.61 15.19
C THR B 346 -1.21 16.22 13.81
N SER B 347 -2.18 15.32 13.73
CA SER B 347 -2.59 14.79 12.44
C SER B 347 -3.20 15.93 11.64
N GLY B 348 -3.15 15.83 10.32
CA GLY B 348 -3.64 16.90 9.49
C GLY B 348 -2.57 17.86 9.00
N HIS B 349 -1.50 18.06 9.78
CA HIS B 349 -0.48 19.09 9.45
C HIS B 349 0.11 18.85 8.09
N VAL B 350 0.43 19.91 7.37
CA VAL B 350 0.90 19.73 5.97
C VAL B 350 2.44 19.63 5.80
N GLY B 351 3.14 19.16 6.84
CA GLY B 351 4.60 19.20 6.83
C GLY B 351 5.17 18.16 5.92
N PHE B 352 4.40 17.07 5.75
CA PHE B 352 4.77 15.94 4.88
C PHE B 352 3.90 15.94 3.67
N GLY B 353 3.02 16.93 3.56
CA GLY B 353 2.17 17.09 2.38
C GLY B 353 0.82 16.47 2.59
N SER B 354 -0.05 16.59 1.61
CA SER B 354 -1.36 15.99 1.70
C SER B 354 -1.79 15.46 0.34
N GLY B 355 -2.29 14.24 0.31
CA GLY B 355 -2.87 13.72 -0.92
C GLY B 355 -2.03 12.66 -1.56
N VAL B 356 -2.13 12.58 -2.87
CA VAL B 356 -1.45 11.53 -3.62
C VAL B 356 0.08 11.60 -3.48
N HIS B 357 0.64 12.81 -3.51
CA HIS B 357 2.09 13.02 -3.52
C HIS B 357 2.75 13.01 -2.14
N MET B 358 1.97 12.74 -1.08
CA MET B 358 2.46 12.87 0.29
C MET B 358 3.76 12.12 0.48
N CYS B 359 4.69 12.66 1.27
CA CYS B 359 6.03 12.09 1.37
C CYS B 359 6.03 10.57 1.57
N VAL B 360 6.54 9.87 0.57
CA VAL B 360 6.60 8.41 0.56
C VAL B 360 7.69 7.92 1.53
N GLY B 361 8.66 8.78 1.81
CA GLY B 361 9.61 8.47 2.87
C GLY B 361 9.17 8.95 4.25
N GLN B 362 7.89 9.23 4.43
CA GLN B 362 7.46 9.75 5.70
C GLN B 362 7.76 8.74 6.79
N LEU B 363 7.64 7.45 6.48
CA LEU B 363 7.85 6.40 7.47
C LEU B 363 9.30 6.28 7.95
N VAL B 364 10.22 6.61 7.05
CA VAL B 364 11.63 6.60 7.36
C VAL B 364 12.01 7.67 8.38
N ALA B 365 11.61 8.91 8.12
CA ALA B 365 11.88 10.00 9.04
C ALA B 365 11.11 9.77 10.34
N ARG B 366 9.82 9.46 10.21
CA ARG B 366 9.00 9.12 11.37
C ARG B 366 9.51 7.88 12.10
N LEU B 367 10.67 7.38 11.66
CA LEU B 367 11.43 6.37 12.40
C LEU B 367 12.83 6.89 12.78
N GLU B 368 13.51 7.60 11.87
CA GLU B 368 14.72 8.34 12.24
C GLU B 368 14.43 9.38 13.35
N GLY B 369 13.21 9.38 13.88
CA GLY B 369 12.83 10.33 14.90
C GLY B 369 12.29 9.62 16.12
N GLU B 370 11.28 8.78 15.89
CA GLU B 370 10.58 8.06 16.95
C GLU B 370 11.53 7.32 17.89
N VAL B 371 12.81 7.29 17.54
CA VAL B 371 13.80 6.60 18.37
C VAL B 371 14.88 7.54 18.87
N MET B 372 15.35 8.43 17.99
CA MET B 372 16.28 9.44 18.43
C MET B 372 15.59 10.27 19.51
N LEU B 373 14.27 10.18 19.56
CA LEU B 373 13.52 10.79 20.64
C LEU B 373 13.56 9.96 21.92
N SER B 374 13.60 8.64 21.76
CA SER B 374 13.74 7.69 22.90
C SER B 374 15.18 7.54 23.35
N ALA B 375 16.11 8.00 22.51
CA ALA B 375 17.53 8.07 22.86
C ALA B 375 17.77 9.24 23.82
N LEU B 376 16.67 9.75 24.40
CA LEU B 376 16.64 10.94 25.23
C LEU B 376 15.46 10.91 26.20
N ALA B 377 14.36 10.35 25.73
CA ALA B 377 13.15 10.16 26.52
C ALA B 377 13.33 9.09 27.56
N ARG B 378 14.55 8.97 28.06
CA ARG B 378 14.86 8.01 29.08
C ARG B 378 16.32 8.05 29.43
N LYS B 379 17.10 8.77 28.63
CA LYS B 379 18.54 8.65 28.69
C LYS B 379 19.36 9.93 28.71
N VAL B 380 18.66 11.04 28.97
CA VAL B 380 19.26 12.35 29.28
C VAL B 380 18.30 13.38 29.85
N ALA B 381 18.75 14.62 29.93
CA ALA B 381 17.81 15.72 30.20
C ALA B 381 18.46 17.11 30.25
N ALA B 382 19.73 17.19 29.90
CA ALA B 382 20.47 18.45 29.96
C ALA B 382 20.91 19.03 28.60
N ILE B 383 20.05 19.86 28.01
CA ILE B 383 20.37 20.51 26.74
C ILE B 383 20.10 21.96 26.81
N ASP B 384 20.89 22.76 26.14
CA ASP B 384 20.40 24.09 25.94
C ASP B 384 21.26 25.08 25.23
N ILE B 385 22.47 24.69 24.91
CA ILE B 385 23.21 25.47 23.95
C ILE B 385 24.61 25.72 24.36
N ASP B 386 25.19 26.73 23.72
CA ASP B 386 26.50 27.20 24.24
C ASP B 386 27.31 27.95 23.19
N GLY B 387 26.65 28.36 22.11
CA GLY B 387 27.34 29.14 21.08
C GLY B 387 26.42 29.98 20.20
N PRO B 388 27.01 30.87 19.39
CA PRO B 388 26.21 31.66 18.43
C PRO B 388 25.52 30.70 17.44
N VAL B 389 24.27 30.99 17.09
CA VAL B 389 23.49 30.10 16.18
C VAL B 389 23.49 30.60 14.74
N LYS B 390 23.91 29.72 13.81
CA LYS B 390 24.02 30.04 12.38
C LYS B 390 23.03 29.21 11.52
N ARG B 391 22.26 29.92 10.70
CA ARG B 391 21.13 29.36 9.96
C ARG B 391 21.53 28.95 8.53
N ARG B 392 21.03 27.81 8.08
CA ARG B 392 21.23 27.41 6.69
C ARG B 392 20.10 27.77 5.76
N PHE B 393 20.43 28.64 4.83
CA PHE B 393 19.50 29.20 3.90
C PHE B 393 19.42 28.32 2.67
N ASN B 394 18.19 27.96 2.31
CA ASN B 394 17.89 27.12 1.17
C ASN B 394 16.61 27.63 0.50
N ASN B 395 16.62 27.80 -0.83
CA ASN B 395 15.43 28.26 -1.54
C ASN B 395 14.12 27.56 -1.14
N THR B 396 14.23 26.39 -0.49
CA THR B 396 13.03 25.62 -0.15
C THR B 396 13.05 24.93 1.23
N LEU B 397 14.23 24.68 1.78
CA LEU B 397 14.30 24.05 3.10
C LEU B 397 14.52 25.08 4.19
N ARG B 398 14.31 24.66 5.44
CA ARG B 398 14.55 25.54 6.57
C ARG B 398 15.36 24.85 7.64
N GLY B 399 16.58 25.35 7.85
CA GLY B 399 17.50 24.76 8.81
C GLY B 399 18.74 25.59 9.07
N LEU B 400 19.75 24.92 9.62
CA LEU B 400 20.86 25.57 10.33
C LEU B 400 22.25 25.02 9.99
N GLU B 401 23.17 25.89 9.56
CA GLU B 401 24.55 25.43 9.26
C GLU B 401 25.21 24.87 10.51
N SER B 402 24.95 25.53 11.64
CA SER B 402 25.58 25.23 12.92
C SER B 402 24.59 25.38 14.07
N LEU B 403 24.86 24.65 15.15
CA LEU B 403 24.02 24.79 16.33
C LEU B 403 24.67 24.29 17.61
N PRO B 404 25.62 25.07 18.20
CA PRO B 404 26.25 24.60 19.43
C PRO B 404 25.24 24.40 20.55
N VAL B 405 25.25 23.24 21.19
CA VAL B 405 24.58 23.07 22.49
C VAL B 405 25.51 22.39 23.52
N LYS B 406 25.22 22.61 24.80
CA LYS B 406 25.84 21.81 25.84
C LYS B 406 24.97 20.62 26.21
N LEU B 407 25.53 19.43 26.03
CA LEU B 407 24.82 18.21 26.29
C LEU B 407 25.07 17.75 27.69
N THR B 408 24.02 17.64 28.48
CA THR B 408 24.21 17.27 29.86
C THR B 408 23.56 15.91 30.01
N PRO B 409 24.19 15.15 30.88
CA PRO B 409 23.90 13.76 31.21
C PRO B 409 22.55 13.60 31.83
N ALA B 410 22.23 12.37 32.17
CA ALA B 410 20.97 12.15 32.91
C ALA B 410 21.17 11.73 34.37
CHA HEM C . -6.76 -12.43 -6.39
CHB HEM C . -8.35 -16.11 -3.78
CHC HEM C . -11.40 -13.27 -1.37
CHD HEM C . -10.57 -9.92 -4.77
C1A HEM C . -6.86 -13.68 -5.87
C2A HEM C . -6.04 -14.83 -6.20
C3A HEM C . -6.50 -15.85 -5.46
C4A HEM C . -7.61 -15.36 -4.66
CMA HEM C . -5.96 -17.29 -5.45
CAA HEM C . -4.87 -14.83 -7.20
CBA HEM C . -5.29 -14.81 -8.66
CGA HEM C . -4.07 -15.10 -9.54
O1A HEM C . -4.18 -15.10 -10.80
O2A HEM C . -2.95 -15.33 -8.97
C1B HEM C . -9.29 -15.67 -2.89
C2B HEM C . -9.95 -16.49 -1.89
C3B HEM C . -10.81 -15.70 -1.22
C4B HEM C . -10.70 -14.37 -1.78
CMB HEM C . -9.71 -18.00 -1.64
CAB HEM C . -11.76 -16.15 -0.07
CBB HEM C . -11.36 -16.24 1.21
C1C HEM C . -11.41 -12.08 -2.07
C2C HEM C . -12.13 -10.90 -1.66
C3C HEM C . -11.90 -9.96 -2.60
C4C HEM C . -11.03 -10.53 -3.62
CMC HEM C . -12.97 -10.80 -0.37
CAC HEM C . -12.45 -8.52 -2.65
CBC HEM C . -12.24 -7.64 -1.68
C1D HEM C . -9.50 -10.29 -5.54
C2D HEM C . -9.03 -9.57 -6.70
C3D HEM C . -7.83 -10.36 -7.20
C4D HEM C . -7.72 -11.46 -6.29
CMD HEM C . -9.60 -8.28 -7.29
CAD HEM C . -6.90 -10.05 -8.37
CBD HEM C . -5.64 -9.54 -7.68
CGD HEM C . -4.57 -9.05 -8.62
O1D HEM C . -3.69 -8.30 -8.14
O2D HEM C . -4.57 -9.38 -9.84
NA HEM C . -7.81 -14.02 -4.95
NB HEM C . -9.77 -14.39 -2.80
NC HEM C . -10.77 -11.82 -3.28
ND HEM C . -8.72 -11.41 -5.34
FE HEM C . -9.23 -12.87 -4.13
O2 FIV D . -11.84 -7.82 -12.57
C11 FIV D . -12.61 -8.81 -12.64
O1 FIV D . -13.68 -8.74 -13.30
C7 FIV D . -12.33 -10.09 -11.91
C8 FIV D . -13.12 -11.19 -12.26
C3 FIV D . -12.96 -12.43 -11.63
C5 FIV D . -11.35 -10.25 -10.91
C2 FIV D . -11.19 -11.52 -10.28
C6 FIV D . -10.23 -11.71 -9.30
C10 FIV D . -10.11 -12.97 -8.70
C9 FIV D . -10.92 -14.04 -9.07
C4 FIV D . -11.88 -13.85 -10.06
C1 FIV D . -12.00 -12.60 -10.64
O2 FIV E . -22.00 -20.48 -6.76
C11 FIV E . -23.24 -20.33 -6.86
O1 FIV E . -23.94 -20.08 -5.86
C7 FIV E . -23.88 -20.45 -8.22
C8 FIV E . -25.27 -20.51 -8.32
C3 FIV E . -25.87 -20.61 -9.57
C5 FIV E . -23.08 -20.49 -9.37
C2 FIV E . -23.68 -20.59 -10.63
C6 FIV E . -22.90 -20.62 -11.80
C10 FIV E . -23.51 -20.71 -13.06
C9 FIV E . -24.91 -20.78 -13.17
C4 FIV E . -25.70 -20.74 -12.01
C1 FIV E . -25.09 -20.64 -10.73
S SO4 F . -0.06 3.08 -16.45
O1 SO4 F . 0.69 2.45 -15.35
O2 SO4 F . 0.48 2.60 -17.73
O3 SO4 F . -1.47 2.73 -16.32
O4 SO4 F . 0.04 4.53 -16.42
S SO4 G . -0.03 -4.82 -2.62
O1 SO4 G . 0.46 -3.76 -1.73
O2 SO4 G . 1.07 -5.35 -3.42
O3 SO4 G . -0.56 -5.89 -1.78
O4 SO4 G . -1.02 -4.27 -3.56
C1 GOL H . -3.30 -6.81 -0.08
O1 GOL H . -3.13 -7.38 1.19
C2 GOL H . -3.36 -5.28 -0.06
O2 GOL H . -2.10 -4.67 -0.16
C3 GOL H . -4.12 -4.72 1.14
O3 GOL H . -3.98 -3.31 1.10
CL CL I . -19.26 -9.17 -16.95
CHA HEM J . 7.51 14.03 -1.19
CHB HEM J . 8.83 16.53 2.70
CHC HEM J . 11.30 12.65 4.20
CHD HEM J . 11.30 11.09 -0.36
C1A HEM J . 7.53 14.99 -0.19
C2A HEM J . 6.63 16.13 -0.09
C3A HEM J . 6.99 16.81 1.00
C4A HEM J . 8.14 16.14 1.58
CMA HEM J . 6.29 18.08 1.51
CAA HEM J . 5.44 16.46 -1.02
CBA HEM J . 5.88 17.09 -2.33
CGA HEM J . 4.65 17.44 -3.12
O1A HEM J . 4.71 18.12 -4.18
O2A HEM J . 3.56 17.03 -2.68
C1B HEM J . 9.60 15.68 3.46
C2B HEM J . 10.10 15.95 4.80
C3B HEM J . 10.79 14.89 5.22
C4B HEM J . 10.73 13.90 4.16
CMB HEM J . 9.85 17.26 5.58
CAB HEM J . 11.49 14.70 6.58
CBB HEM J . 12.41 15.57 6.98
C1C HEM J . 11.55 11.91 3.09
C2C HEM J . 12.38 10.74 3.05
C3C HEM J . 12.39 10.30 1.79
C4C HEM J . 11.56 11.18 1.00
CMC HEM J . 13.11 10.17 4.28
CAC HEM J . 13.15 9.08 1.24
CBC HEM J . 12.97 7.88 1.80
C1D HEM J . 10.26 11.70 -1.01
C2D HEM J . 9.80 11.39 -2.34
C3D HEM J . 8.60 12.32 -2.59
C4D HEM J . 8.46 13.09 -1.39
CMD HEM J . 10.36 10.37 -3.34
CAD HEM J . 7.74 12.41 -3.87
CBD HEM J . 6.46 11.61 -3.67
CGD HEM J . 5.47 11.81 -4.81
O1D HEM J . 4.45 11.08 -4.81
O2D HEM J . 5.67 12.69 -5.70
NA HEM J . 8.45 15.05 0.84
NB HEM J . 10.01 14.42 3.11
NC HEM J . 11.06 12.15 1.82
ND HEM J . 9.45 12.70 -0.49
FE HEM J . 9.70 13.59 1.32
O2 FIV K . 14.94 13.85 -8.77
C11 FIV K . 14.35 13.04 -8.03
O1 FIV K . 14.34 11.81 -8.27
C7 FIV K . 13.54 13.56 -6.87
C8 FIV K . 12.50 12.74 -6.43
C3 FIV K . 11.67 13.11 -5.38
C5 FIV K . 13.74 14.81 -6.24
C2 FIV K . 12.89 15.18 -5.18
C6 FIV K . 13.04 16.40 -4.53
C10 FIV K . 12.17 16.74 -3.48
C9 FIV K . 11.14 15.89 -3.05
C4 FIV K . 10.97 14.68 -3.70
C1 FIV K . 11.84 14.34 -4.75
S SO4 L . 0.21 5.51 -0.50
O1 SO4 L . 1.41 5.77 0.31
O2 SO4 L . 0.16 4.11 -0.87
O3 SO4 L . -0.97 5.84 0.30
O4 SO4 L . 0.23 6.31 -1.73
#